data_7SV7
#
_entry.id   7SV7
#
_cell.length_a   1.00
_cell.length_b   1.00
_cell.length_c   1.00
_cell.angle_alpha   90.00
_cell.angle_beta   90.00
_cell.angle_gamma   90.00
#
_symmetry.space_group_name_H-M   'P 1'
#
loop_
_entity.id
_entity.type
_entity.pdbx_description
1 polymer 'Cystic fibrosis transmembrane conductance regulator'
2 polymer 'Cystic fibrosis transmembrane conductance regulator'
3 non-polymer 'MAGNESIUM ION'
4 non-polymer "ADENOSINE-5'-TRIPHOSPHATE"
5 non-polymer nonane
6 non-polymer DODECANE
7 non-polymer CHOLESTEROL
8 non-polymer TETRADECANE
9 non-polymer heptadecane
10 non-polymer Tezacaftor
#
loop_
_entity_poly.entity_id
_entity_poly.type
_entity_poly.pdbx_seq_one_letter_code
_entity_poly.pdbx_strand_id
1 'polypeptide(L)'
;MQRSPLEKASVVSKLFFSWTRPILRKGYRQRLELSDIYQIPSVDSADNLSEKLEREWDRELASKKNPKLINALRRCFFWR
FMFYGIFLYLGEVTKAVQPLLLGRIIASYDPDNKEERSIAIYLGIGLCLLFIVRTLLLHPAIFGLHHIGMQMRIAMFSLI
YKKTLKLSSRVLDKISIGQLVSLLSNNLNKFDEGLALAHFVWIAPLQVALLMGLIWELLQASAFCGLGFLIVLALFQAGL
GRMMMKYRDQRAGKISERLVITSEMIENIQSVKAYCWEEAMEKMIENLRQTELKLTRKAAYVRYFNSSAFFFSGFFVVFL
SVLPYALIKGIILRKIFTTISFCIVLRMAVTRQFPWAVQTWYDSLGAINKIQDFLQKQEYKTLEYNLTTTEVVMENVTAF
WEEGFGELFEKAKQNNNNRKTSNGDDSLFFSNFSLLGTPVLKDINFKIERGQLLAVAGSTGAGKTSLLMVIMGELEPSEG
KIKHSGRISFCSQFSWIMPGTIKENIIFGVSYDEYRYRSVIKACQLEEDISKFAEKDNIVLGEGGITLSGGQRARISLAR
AVYKDADLYLLDSPFGYLDVLTEKEIFESCVCKLMANKTRILVTSKMEHLKKADKILILHEGSSYFYGTFSELQNLQPDF
SSKLMGCDSFDQFSAERRNSILTETLHRFSLEGDAPVSWTETKKQSFKQTGEFGEKRKNSILNPINSIRKFSIVQKTPLQ
MNGIEEDSDEPLERRLSLVPDSEQGEAILPRISVISTGPTLQARRRQSVLNLMTHSVNQGQNIHRKTTASTRKVSLAPQA
NLTELDIYSRRLSQETGLEISEEINEEDLKECFFDDMESIPAVTTWNTYLRYITVHKSLIFVLIWCLVIFLAEVAASLVV
LWLLGNTPLQDKGNSTHSRNNSYAVIITSTSSYYVFYIYVGVADTLLAMGFFRGLPLVHTLITVSKILHHKMLHSVLQAP
MSTLNTLKAGGILNRFSKDIAILDDLLPLTIFDFIQLLLIVIGAIAVVAVLQPYIFVATVPVIVAFIMLRAYFLQTSQQL
KQLESEGRSPIFTHLVTSLKGLWTLRAFGRQPYFETLFHKALNLHTANWFLYLSTLRWFQMRIEMIFVIFFIAVTFISIL
TTGEGEGRVGIILTLAMNIMSTLQWAVNSSIDVDSLMRSVSRVFKFIDMPTEGKPTKSTKPYKNGQLSKVMIIENSHVKK
DDIWPSGGQMTVKDLTAKYTEGGNAILENISFSISPGQRVGLLGRTGSGKSTLLSAFLRLLNTEGEIQIDGVSWDSITLQ
QWRKAFGVIPQKVFIFSGTFRKNLDPYEQWSDQEIWKVADEVGLRSVIEQFPGKLDFVLVDGGCVLSHGHKQLMCLARSV
LSKAKILLLDQPSAHLDPVTYQIIRRTLKQAFADCTVILCEHRIEAMLECQQFLVIEENKVRQYDSIQKLLNERSLFRQA
ISPSDRVKLFPHRNSSKCKSKPQIAALKEETEEEVQDTRL
;
A
2 'polypeptide(L)'
;(UNK)(UNK)(UNK)(UNK)(UNK)(UNK)(UNK)(UNK)(UNK)(UNK)(UNK)(UNK)(UNK)(UNK)(UNK)(UNK)
(UNK)
;
B
#
# COMPACT_ATOMS: atom_id res chain seq x y z
N MET A 1 21.50 17.99 0.83
CA MET A 1 20.39 18.93 0.92
C MET A 1 20.63 19.94 2.04
N GLN A 2 19.83 21.01 2.05
CA GLN A 2 19.97 22.05 3.05
C GLN A 2 19.47 21.58 4.40
N ARG A 3 20.06 22.15 5.46
CA ARG A 3 19.57 21.91 6.81
C ARG A 3 18.17 22.47 6.97
N SER A 4 17.43 21.91 7.93
CA SER A 4 16.08 22.38 8.20
C SER A 4 16.12 23.82 8.70
N PRO A 5 15.28 24.71 8.17
CA PRO A 5 15.23 26.07 8.71
C PRO A 5 14.72 26.12 10.13
N LEU A 6 14.07 25.06 10.62
CA LEU A 6 13.57 25.04 11.99
C LEU A 6 14.71 25.10 13.00
N GLU A 7 15.89 24.60 12.62
CA GLU A 7 17.02 24.60 13.56
C GLU A 7 17.42 26.02 13.97
N LYS A 8 17.51 26.93 13.01
CA LYS A 8 17.92 28.31 13.28
C LYS A 8 16.89 29.26 12.67
N ALA A 9 15.84 29.53 13.44
CA ALA A 9 14.83 30.52 13.09
C ALA A 9 14.54 31.40 14.30
N SER A 10 13.95 32.56 14.03
CA SER A 10 13.55 33.43 15.11
C SER A 10 12.35 32.84 15.86
N VAL A 11 12.26 33.16 17.15
CA VAL A 11 11.12 32.71 17.95
C VAL A 11 9.82 33.30 17.40
N VAL A 12 9.84 34.58 17.03
CA VAL A 12 8.66 35.19 16.44
C VAL A 12 8.35 34.55 15.08
N SER A 13 9.38 34.22 14.31
CA SER A 13 9.16 33.55 13.04
C SER A 13 8.66 32.13 13.24
N LYS A 14 9.17 31.43 14.26
CA LYS A 14 8.70 30.07 14.53
C LYS A 14 7.25 30.06 14.99
N LEU A 15 6.84 31.09 15.75
CA LEU A 15 5.46 31.17 16.22
C LEU A 15 4.49 31.35 15.05
N PHE A 16 4.83 32.21 14.10
CA PHE A 16 3.98 32.50 12.95
C PHE A 16 4.18 31.54 11.79
N PHE A 17 5.09 30.57 11.92
CA PHE A 17 5.41 29.63 10.84
C PHE A 17 5.88 30.35 9.59
N SER A 18 6.64 31.43 9.76
CA SER A 18 7.11 32.18 8.61
C SER A 18 8.29 31.51 7.92
N TRP A 19 8.84 30.43 8.48
CA TRP A 19 9.96 29.76 7.85
C TRP A 19 9.54 28.91 6.65
N THR A 20 8.25 28.71 6.44
CA THR A 20 7.77 28.06 5.22
C THR A 20 7.56 29.05 4.08
N ARG A 21 7.82 30.33 4.31
CA ARG A 21 7.67 31.33 3.26
C ARG A 21 8.53 31.06 2.02
N PRO A 22 9.82 30.68 2.13
CA PRO A 22 10.62 30.55 0.90
C PRO A 22 10.08 29.53 -0.10
N ILE A 23 9.64 28.36 0.37
CA ILE A 23 9.22 27.34 -0.58
C ILE A 23 7.93 27.76 -1.28
N LEU A 24 7.04 28.46 -0.58
CA LEU A 24 5.83 28.97 -1.23
C LEU A 24 6.19 30.00 -2.30
N ARG A 25 7.14 30.88 -2.00
CA ARG A 25 7.59 31.84 -2.99
C ARG A 25 8.25 31.14 -4.18
N LYS A 26 9.05 30.11 -3.92
CA LYS A 26 9.69 29.37 -5.00
C LYS A 26 8.69 28.50 -5.77
N GLY A 27 7.67 27.98 -5.09
CA GLY A 27 6.73 27.08 -5.70
C GLY A 27 5.59 27.71 -6.44
N TYR A 28 5.56 29.04 -6.54
CA TYR A 28 4.51 29.74 -7.27
C TYR A 28 4.86 29.96 -8.73
N ARG A 29 6.08 30.45 -8.99
CA ARG A 29 6.53 30.70 -10.35
C ARG A 29 6.78 29.41 -11.12
N GLN A 30 7.71 28.58 -10.64
CA GLN A 30 8.12 27.38 -11.36
C GLN A 30 7.89 26.14 -10.52
N ARG A 31 8.27 24.99 -11.08
CA ARG A 31 8.15 23.72 -10.40
C ARG A 31 9.20 23.59 -9.31
N LEU A 32 8.90 22.76 -8.32
CA LEU A 32 9.81 22.53 -7.19
C LEU A 32 10.80 21.44 -7.57
N GLU A 33 12.09 21.81 -7.64
CA GLU A 33 13.15 20.86 -7.95
C GLU A 33 13.64 20.17 -6.68
N LEU A 34 14.42 19.11 -6.87
CA LEU A 34 14.91 18.31 -5.75
C LEU A 34 15.77 19.14 -4.80
N SER A 35 16.37 20.23 -5.28
CA SER A 35 17.23 21.04 -4.45
C SER A 35 16.48 21.87 -3.42
N ASP A 36 15.15 21.77 -3.37
CA ASP A 36 14.34 22.59 -2.48
C ASP A 36 13.88 21.88 -1.23
N ILE A 37 13.74 20.55 -1.27
CA ILE A 37 13.15 19.80 -0.15
C ILE A 37 14.13 19.83 1.02
N TYR A 38 13.70 20.43 2.13
CA TYR A 38 14.56 20.57 3.30
C TYR A 38 14.73 19.26 4.04
N GLN A 39 15.88 19.14 4.72
CA GLN A 39 16.16 17.98 5.55
C GLN A 39 15.30 18.00 6.82
N ILE A 40 15.01 16.81 7.34
CA ILE A 40 14.22 16.64 8.56
C ILE A 40 14.97 17.18 9.76
N PRO A 41 14.26 17.66 10.79
CA PRO A 41 14.94 18.04 12.04
C PRO A 41 15.61 16.83 12.69
N SER A 42 16.73 17.10 13.38
CA SER A 42 17.47 16.02 14.03
C SER A 42 16.65 15.30 15.08
N VAL A 43 15.70 15.99 15.72
CA VAL A 43 14.84 15.36 16.70
C VAL A 43 13.73 14.53 16.07
N ASP A 44 13.77 14.36 14.76
CA ASP A 44 12.75 13.61 14.03
C ASP A 44 13.31 12.40 13.29
N SER A 45 14.63 12.21 13.29
CA SER A 45 15.23 11.07 12.60
C SER A 45 14.72 9.77 13.17
N ALA A 46 14.43 8.82 12.28
CA ALA A 46 13.85 7.55 12.70
C ALA A 46 14.73 6.81 13.71
N ASP A 47 16.05 6.98 13.62
CA ASP A 47 16.96 6.26 14.51
C ASP A 47 16.73 6.64 15.96
N ASN A 48 16.65 7.94 16.24
CA ASN A 48 16.50 8.38 17.63
C ASN A 48 15.13 7.99 18.19
N LEU A 49 14.09 8.08 17.37
CA LEU A 49 12.76 7.70 17.85
C LEU A 49 12.66 6.19 18.04
N SER A 50 13.28 5.41 17.16
CA SER A 50 13.28 3.96 17.33
C SER A 50 14.04 3.56 18.59
N GLU A 51 15.22 4.14 18.81
CA GLU A 51 15.99 3.83 20.00
C GLU A 51 15.22 4.16 21.27
N LYS A 52 14.54 5.31 21.29
CA LYS A 52 13.83 5.72 22.49
C LYS A 52 12.69 4.76 22.82
N LEU A 53 11.78 4.54 21.87
CA LEU A 53 10.62 3.71 22.17
C LEU A 53 11.02 2.25 22.44
N GLU A 54 12.02 1.75 21.71
CA GLU A 54 12.52 0.41 21.96
C GLU A 54 12.98 0.26 23.40
N ARG A 55 13.72 1.26 23.90
CA ARG A 55 14.21 1.20 25.27
C ARG A 55 13.07 1.17 26.27
N GLU A 56 12.04 2.00 26.07
CA GLU A 56 10.91 2.01 26.99
C GLU A 56 10.11 0.73 26.90
N TRP A 57 9.91 0.21 25.69
CA TRP A 57 9.17 -1.04 25.53
C TRP A 57 9.94 -2.22 26.10
N ASP A 58 11.27 -2.20 25.99
CA ASP A 58 12.08 -3.23 26.63
C ASP A 58 11.95 -3.17 28.15
N ARG A 59 11.95 -1.96 28.72
CA ARG A 59 11.76 -1.83 30.15
C ARG A 59 10.37 -2.29 30.58
N GLU A 60 9.35 -1.95 29.78
CA GLU A 60 7.99 -2.31 30.12
C GLU A 60 7.81 -3.82 30.17
N LEU A 61 8.37 -4.53 29.20
CA LEU A 61 8.29 -5.99 29.22
C LEU A 61 9.01 -6.56 30.43
N ALA A 62 10.16 -5.99 30.79
CA ALA A 62 11.00 -6.54 31.84
C ALA A 62 10.48 -6.24 33.24
N SER A 63 9.52 -5.33 33.40
CA SER A 63 9.09 -4.89 34.72
C SER A 63 7.73 -5.45 35.11
N LYS A 64 6.70 -5.21 34.30
CA LYS A 64 5.34 -5.46 34.75
C LYS A 64 4.92 -6.90 34.51
N LYS A 65 3.89 -7.33 35.27
CA LYS A 65 3.25 -8.61 35.02
C LYS A 65 2.54 -8.62 33.67
N ASN A 66 1.74 -7.58 33.40
CA ASN A 66 1.02 -7.47 32.15
C ASN A 66 1.54 -6.28 31.35
N PRO A 67 2.35 -6.50 30.32
CA PRO A 67 2.88 -5.38 29.54
C PRO A 67 1.81 -4.76 28.66
N LYS A 68 1.81 -3.42 28.62
CA LYS A 68 0.93 -2.67 27.74
C LYS A 68 1.76 -1.66 26.97
N LEU A 69 1.58 -1.64 25.64
CA LEU A 69 2.35 -0.71 24.82
C LEU A 69 1.95 0.73 25.11
N ILE A 70 0.69 0.97 25.48
CA ILE A 70 0.24 2.34 25.72
C ILE A 70 0.97 2.94 26.92
N ASN A 71 1.45 2.08 27.82
CA ASN A 71 2.18 2.53 28.99
C ASN A 71 3.54 3.03 28.59
N ALA A 72 4.13 2.37 27.59
CA ALA A 72 5.44 2.77 27.09
C ALA A 72 5.38 4.12 26.39
N LEU A 73 4.28 4.39 25.68
CA LEU A 73 4.10 5.70 25.07
C LEU A 73 3.87 6.78 26.12
N ARG A 74 3.25 6.43 27.24
CA ARG A 74 2.83 7.41 28.23
C ARG A 74 4.01 8.06 28.93
N ARG A 75 5.21 7.49 28.83
CA ARG A 75 6.38 8.06 29.50
C ARG A 75 7.26 8.90 28.58
N CYS A 76 7.06 8.83 27.26
CA CYS A 76 7.92 9.54 26.33
C CYS A 76 7.18 10.50 25.40
N PHE A 77 5.85 10.58 25.50
CA PHE A 77 5.10 11.54 24.69
C PHE A 77 4.00 12.26 25.45
N PHE A 78 3.80 11.95 26.74
CA PHE A 78 2.66 12.52 27.45
C PHE A 78 2.89 13.99 27.81
N TRP A 79 4.09 14.34 28.27
CA TRP A 79 4.29 15.67 28.84
C TRP A 79 4.06 16.76 27.81
N ARG A 80 4.62 16.60 26.61
CA ARG A 80 4.34 17.57 25.55
C ARG A 80 2.89 17.51 25.11
N PHE A 81 2.28 16.32 25.15
CA PHE A 81 0.87 16.20 24.80
C PHE A 81 0.00 17.04 25.73
N MET A 82 0.23 16.93 27.03
CA MET A 82 -0.55 17.73 27.98
C MET A 82 -0.16 19.20 27.92
N PHE A 83 1.13 19.49 27.69
CA PHE A 83 1.57 20.88 27.64
C PHE A 83 0.87 21.64 26.52
N TYR A 84 0.68 20.99 25.37
CA TYR A 84 -0.12 21.58 24.31
C TYR A 84 -1.61 21.54 24.61
N GLY A 85 -2.05 20.63 25.49
CA GLY A 85 -3.46 20.53 25.79
C GLY A 85 -4.01 21.75 26.50
N ILE A 86 -3.25 22.27 27.47
CA ILE A 86 -3.73 23.43 28.22
C ILE A 86 -3.82 24.65 27.32
N PHE A 87 -2.90 24.79 26.36
CA PHE A 87 -2.99 25.89 25.41
C PHE A 87 -4.17 25.71 24.46
N LEU A 88 -4.46 24.48 24.07
CA LEU A 88 -5.63 24.24 23.23
C LEU A 88 -6.91 24.58 23.97
N TYR A 89 -6.98 24.24 25.25
CA TYR A 89 -8.17 24.54 26.04
C TYR A 89 -8.37 26.04 26.21
N LEU A 90 -7.28 26.78 26.45
CA LEU A 90 -7.40 28.23 26.58
C LEU A 90 -7.86 28.86 25.28
N GLY A 91 -7.55 28.25 24.14
CA GLY A 91 -8.09 28.71 22.88
C GLY A 91 -9.58 28.53 22.75
N GLU A 92 -10.12 27.46 23.33
CA GLU A 92 -11.56 27.22 23.27
C GLU A 92 -12.30 28.07 24.29
N VAL A 93 -11.70 28.33 25.45
CA VAL A 93 -12.33 29.23 26.42
C VAL A 93 -12.48 30.62 25.81
N THR A 94 -11.49 31.06 25.03
CA THR A 94 -11.58 32.34 24.35
C THR A 94 -12.75 32.37 23.37
N LYS A 95 -13.14 31.22 22.84
CA LYS A 95 -14.21 31.17 21.84
C LYS A 95 -15.59 31.10 22.46
N ALA A 96 -15.73 30.48 23.63
CA ALA A 96 -17.04 30.40 24.28
C ALA A 96 -17.41 31.68 25.01
N VAL A 97 -16.46 32.58 25.23
CA VAL A 97 -16.74 33.85 25.91
C VAL A 97 -16.92 35.00 24.92
N GLN A 98 -16.68 34.75 23.64
CA GLN A 98 -16.88 35.79 22.63
C GLN A 98 -18.25 36.44 22.65
N PRO A 99 -19.36 35.71 22.78
CA PRO A 99 -20.67 36.39 22.75
C PRO A 99 -20.88 37.41 23.85
N LEU A 100 -20.15 37.31 24.96
CA LEU A 100 -20.28 38.32 26.01
C LEU A 100 -19.82 39.69 25.55
N LEU A 101 -18.99 39.75 24.52
CA LEU A 101 -18.55 41.02 23.94
C LEU A 101 -19.22 41.34 22.63
N LEU A 102 -19.39 40.35 21.75
CA LEU A 102 -20.00 40.61 20.45
C LEU A 102 -21.48 40.97 20.59
N GLY A 103 -22.22 40.23 21.41
CA GLY A 103 -23.62 40.55 21.62
C GLY A 103 -23.81 41.85 22.38
N ARG A 104 -22.86 42.19 23.25
CA ARG A 104 -22.94 43.45 23.97
C ARG A 104 -22.63 44.64 23.06
N ILE A 105 -21.83 44.43 22.02
CA ILE A 105 -21.54 45.50 21.08
C ILE A 105 -22.69 45.67 20.09
N ILE A 106 -23.24 44.57 19.59
CA ILE A 106 -24.32 44.66 18.62
C ILE A 106 -25.55 45.35 19.22
N ALA A 107 -25.79 45.17 20.51
CA ALA A 107 -26.92 45.81 21.16
C ALA A 107 -26.76 47.31 21.27
N SER A 108 -25.55 47.84 21.05
CA SER A 108 -25.33 49.28 21.22
C SER A 108 -25.93 50.10 20.08
N TYR A 109 -26.27 49.47 18.95
CA TYR A 109 -26.77 50.21 17.80
C TYR A 109 -28.12 50.85 18.05
N ASP A 110 -28.82 50.47 19.10
CA ASP A 110 -30.17 50.95 19.30
C ASP A 110 -30.17 52.11 20.28
N PRO A 111 -30.78 53.24 19.93
CA PRO A 111 -30.77 54.40 20.85
C PRO A 111 -31.49 54.13 22.16
N ASP A 112 -32.48 53.23 22.16
CA ASP A 112 -33.19 52.90 23.40
C ASP A 112 -32.35 52.09 24.37
N ASN A 113 -31.17 51.63 23.95
CA ASN A 113 -30.28 50.82 24.78
C ASN A 113 -29.08 51.69 25.16
N LYS A 114 -29.26 52.49 26.22
CA LYS A 114 -28.20 53.41 26.64
C LYS A 114 -27.07 52.67 27.36
N GLU A 115 -27.41 51.65 28.15
CA GLU A 115 -26.45 51.11 29.11
C GLU A 115 -25.25 50.48 28.41
N GLU A 116 -25.49 49.59 27.45
CA GLU A 116 -24.40 48.90 26.78
C GLU A 116 -23.75 49.75 25.70
N ARG A 117 -24.15 51.00 25.53
CA ARG A 117 -23.50 51.90 24.59
C ARG A 117 -22.37 52.70 25.24
N SER A 118 -22.50 53.02 26.53
CA SER A 118 -21.52 53.88 27.19
C SER A 118 -20.14 53.24 27.25
N ILE A 119 -20.07 51.92 27.25
CA ILE A 119 -18.78 51.21 27.35
C ILE A 119 -18.43 50.48 26.06
N ALA A 120 -19.14 50.73 24.97
CA ALA A 120 -18.88 50.02 23.73
C ALA A 120 -17.46 50.25 23.22
N ILE A 121 -16.92 51.45 23.44
CA ILE A 121 -15.59 51.76 22.92
C ILE A 121 -14.53 50.92 23.60
N TYR A 122 -14.69 50.64 24.89
CA TYR A 122 -13.73 49.77 25.58
C TYR A 122 -13.86 48.33 25.10
N LEU A 123 -15.08 47.88 24.81
CA LEU A 123 -15.29 46.52 24.35
C LEU A 123 -14.69 46.29 22.96
N GLY A 124 -14.55 47.35 22.15
CA GLY A 124 -13.92 47.20 20.86
C GLY A 124 -12.45 46.83 20.98
N ILE A 125 -11.74 47.48 21.91
CA ILE A 125 -10.35 47.12 22.17
C ILE A 125 -10.26 45.73 22.80
N GLY A 126 -11.16 45.42 23.73
CA GLY A 126 -11.14 44.11 24.35
C GLY A 126 -11.43 42.99 23.37
N LEU A 127 -12.40 43.22 22.48
CA LEU A 127 -12.70 42.22 21.46
C LEU A 127 -11.54 42.07 20.48
N CYS A 128 -10.91 43.18 20.11
CA CYS A 128 -9.73 43.12 19.25
C CYS A 128 -8.62 42.28 19.87
N LEU A 129 -8.34 42.53 21.15
CA LEU A 129 -7.31 41.76 21.84
C LEU A 129 -7.72 40.29 21.97
N LEU A 130 -9.02 40.04 22.13
CA LEU A 130 -9.49 38.66 22.27
C LEU A 130 -9.21 37.86 21.00
N PHE A 131 -9.45 38.45 19.83
CA PHE A 131 -9.19 37.75 18.58
C PHE A 131 -7.70 37.48 18.40
N ILE A 132 -6.87 38.47 18.69
CA ILE A 132 -5.42 38.32 18.51
C ILE A 132 -4.89 37.24 19.43
N VAL A 133 -5.37 37.19 20.67
CA VAL A 133 -4.90 36.18 21.61
C VAL A 133 -5.25 34.78 21.12
N ARG A 134 -6.48 34.60 20.62
CA ARG A 134 -6.90 33.27 20.18
C ARG A 134 -6.06 32.78 19.00
N THR A 135 -5.70 33.68 18.08
CA THR A 135 -4.96 33.27 16.89
C THR A 135 -3.59 32.71 17.25
N LEU A 136 -2.91 33.32 18.22
CA LEU A 136 -1.59 32.86 18.65
C LEU A 136 -1.66 31.72 19.64
N LEU A 137 -2.85 31.31 20.04
CA LEU A 137 -3.03 30.32 21.11
C LEU A 137 -3.64 29.02 20.63
N LEU A 138 -4.39 29.03 19.53
CA LEU A 138 -5.07 27.84 19.05
C LEU A 138 -4.28 27.10 17.97
N HIS A 139 -3.61 27.82 17.06
CA HIS A 139 -2.92 27.16 15.96
C HIS A 139 -1.60 26.52 16.39
N PRO A 140 -0.71 27.22 17.12
CA PRO A 140 0.55 26.57 17.50
C PRO A 140 0.36 25.33 18.35
N ALA A 141 -0.75 25.21 19.07
CA ALA A 141 -1.03 23.98 19.79
C ALA A 141 -1.33 22.84 18.82
N ILE A 142 -2.14 23.12 17.79
CA ILE A 142 -2.51 22.07 16.85
C ILE A 142 -1.29 21.54 16.11
N PHE A 143 -0.38 22.42 15.71
CA PHE A 143 0.83 21.97 15.03
C PHE A 143 1.67 21.10 15.95
N GLY A 144 1.72 21.43 17.24
CA GLY A 144 2.43 20.57 18.19
C GLY A 144 1.82 19.19 18.27
N LEU A 145 0.49 19.10 18.27
CA LEU A 145 -0.16 17.80 18.27
C LEU A 145 0.18 17.03 17.01
N HIS A 146 0.17 17.69 15.86
CA HIS A 146 0.55 17.02 14.63
C HIS A 146 1.99 16.54 14.68
N HIS A 147 2.89 17.35 15.24
CA HIS A 147 4.28 16.97 15.33
C HIS A 147 4.46 15.77 16.26
N ILE A 148 3.75 15.74 17.37
CA ILE A 148 3.83 14.60 18.28
C ILE A 148 3.30 13.34 17.60
N GLY A 149 2.21 13.47 16.84
CA GLY A 149 1.65 12.32 16.15
C GLY A 149 2.60 11.74 15.13
N MET A 150 3.31 12.60 14.39
CA MET A 150 4.27 12.10 13.42
C MET A 150 5.41 11.35 14.09
N GLN A 151 5.87 11.83 15.24
CA GLN A 151 6.92 11.13 15.97
C GLN A 151 6.45 9.75 16.43
N MET A 152 5.22 9.67 16.97
CA MET A 152 4.70 8.40 17.44
C MET A 152 4.56 7.39 16.31
N ARG A 153 4.04 7.84 15.16
CA ARG A 153 3.84 6.93 14.04
C ARG A 153 5.16 6.38 13.53
N ILE A 154 6.18 7.24 13.42
CA ILE A 154 7.50 6.79 13.00
C ILE A 154 8.08 5.81 14.00
N ALA A 155 8.00 6.13 15.28
CA ALA A 155 8.61 5.29 16.30
C ALA A 155 7.94 3.93 16.39
N MET A 156 6.63 3.87 16.13
CA MET A 156 5.95 2.58 16.14
C MET A 156 6.21 1.80 14.86
N PHE A 157 6.34 2.49 13.72
CA PHE A 157 6.63 1.81 12.47
C PHE A 157 7.98 1.13 12.49
N SER A 158 8.95 1.71 13.21
CA SER A 158 10.26 1.08 13.32
C SER A 158 10.16 -0.25 14.05
N LEU A 159 9.46 -0.27 15.20
CA LEU A 159 9.36 -1.50 15.97
C LEU A 159 8.61 -2.58 15.20
N ILE A 160 7.69 -2.19 14.31
CA ILE A 160 7.01 -3.17 13.48
C ILE A 160 8.01 -3.90 12.59
N TYR A 161 8.94 -3.15 11.99
CA TYR A 161 9.95 -3.78 11.15
C TYR A 161 10.96 -4.55 11.99
N LYS A 162 11.30 -4.04 13.17
CA LYS A 162 12.22 -4.76 14.05
C LYS A 162 11.69 -6.13 14.44
N LYS A 163 10.38 -6.24 14.62
CA LYS A 163 9.77 -7.53 14.94
C LYS A 163 9.61 -8.39 13.70
N THR A 164 9.34 -7.78 12.54
CA THR A 164 9.12 -8.55 11.32
C THR A 164 10.36 -9.37 10.95
N LEU A 165 11.54 -8.80 11.13
CA LEU A 165 12.76 -9.51 10.79
C LEU A 165 13.04 -10.70 11.71
N LYS A 166 12.32 -10.83 12.82
CA LYS A 166 12.57 -11.89 13.78
C LYS A 166 11.39 -12.83 13.97
N LEU A 167 10.35 -12.73 13.14
CA LEU A 167 9.18 -13.58 13.30
C LEU A 167 9.55 -15.05 13.11
N SER A 168 8.89 -15.91 13.88
CA SER A 168 9.15 -17.33 13.83
C SER A 168 8.71 -17.91 12.48
N SER A 169 9.16 -19.15 12.22
CA SER A 169 8.90 -19.77 10.92
C SER A 169 7.43 -20.10 10.74
N ARG A 170 6.76 -20.59 11.78
CA ARG A 170 5.41 -21.10 11.66
C ARG A 170 4.34 -20.01 11.76
N VAL A 171 4.71 -18.80 12.18
CA VAL A 171 3.75 -17.70 12.21
C VAL A 171 3.65 -17.00 10.87
N LEU A 172 4.64 -17.20 9.99
CA LEU A 172 4.61 -16.55 8.68
C LEU A 172 3.46 -17.07 7.82
N ASP A 173 3.01 -18.30 8.05
CA ASP A 173 1.92 -18.85 7.27
C ASP A 173 0.58 -18.17 7.58
N LYS A 174 0.49 -17.48 8.71
CA LYS A 174 -0.74 -16.79 9.09
C LYS A 174 -0.68 -15.29 8.87
N ILE A 175 0.50 -14.73 8.63
CA ILE A 175 0.69 -13.29 8.53
C ILE A 175 1.13 -12.99 7.10
N SER A 176 0.16 -12.67 6.25
CA SER A 176 0.43 -12.41 4.84
C SER A 176 0.87 -10.97 4.62
N ILE A 177 1.26 -10.68 3.38
CA ILE A 177 1.67 -9.33 3.02
C ILE A 177 0.52 -8.34 3.22
N GLY A 178 -0.70 -8.74 2.85
CA GLY A 178 -1.83 -7.84 2.96
C GLY A 178 -2.16 -7.41 4.38
N GLN A 179 -1.74 -8.20 5.37
CA GLN A 179 -2.00 -7.83 6.76
C GLN A 179 -1.12 -6.66 7.19
N LEU A 180 0.17 -6.72 6.86
CA LEU A 180 1.06 -5.60 7.18
C LEU A 180 0.70 -4.36 6.38
N VAL A 181 0.42 -4.54 5.08
CA VAL A 181 0.14 -3.39 4.22
C VAL A 181 -1.13 -2.67 4.67
N SER A 182 -2.17 -3.44 5.00
CA SER A 182 -3.38 -2.83 5.54
C SER A 182 -3.11 -2.13 6.86
N LEU A 183 -2.31 -2.76 7.71
CA LEU A 183 -1.98 -2.15 9.01
C LEU A 183 -1.24 -0.83 8.82
N LEU A 184 -0.29 -0.79 7.89
CA LEU A 184 0.45 0.45 7.65
C LEU A 184 -0.44 1.50 7.00
N SER A 185 -1.15 1.12 5.94
CA SER A 185 -1.88 2.11 5.14
C SER A 185 -2.97 2.80 5.95
N ASN A 186 -3.67 2.05 6.80
CA ASN A 186 -4.80 2.62 7.54
C ASN A 186 -4.34 3.76 8.45
N ASN A 187 -3.17 3.63 9.05
CA ASN A 187 -2.65 4.65 9.96
C ASN A 187 -1.63 5.57 9.31
N LEU A 188 -1.42 5.44 8.00
CA LEU A 188 -0.30 6.15 7.38
C LEU A 188 -0.47 7.66 7.44
N ASN A 189 -1.70 8.16 7.32
CA ASN A 189 -1.98 9.58 7.48
C ASN A 189 -3.08 9.88 8.48
N LYS A 190 -3.83 8.88 8.93
CA LYS A 190 -4.91 9.13 9.89
C LYS A 190 -4.38 9.35 11.29
N PHE A 191 -3.32 8.62 11.68
CA PHE A 191 -2.84 8.69 13.06
C PHE A 191 -2.29 10.06 13.40
N ASP A 192 -1.57 10.69 12.46
CA ASP A 192 -0.95 11.99 12.75
C ASP A 192 -2.00 13.08 12.89
N GLU A 193 -2.96 13.13 11.97
CA GLU A 193 -4.00 14.14 12.04
C GLU A 193 -5.00 13.85 13.16
N GLY A 194 -5.02 12.62 13.67
CA GLY A 194 -5.95 12.30 14.73
C GLY A 194 -5.66 13.03 16.04
N LEU A 195 -4.38 13.25 16.34
CA LEU A 195 -4.02 13.82 17.63
C LEU A 195 -4.49 15.26 17.79
N ALA A 196 -4.80 15.96 16.70
CA ALA A 196 -5.33 17.31 16.82
C ALA A 196 -6.68 17.32 17.51
N LEU A 197 -7.41 16.22 17.45
CA LEU A 197 -8.75 16.11 18.02
C LEU A 197 -8.80 15.35 19.33
N ALA A 198 -7.70 14.72 19.73
CA ALA A 198 -7.71 13.84 20.90
C ALA A 198 -7.99 14.58 22.20
N HIS A 199 -7.81 15.90 22.24
CA HIS A 199 -7.97 16.66 23.47
C HIS A 199 -9.41 17.04 23.77
N PHE A 200 -10.31 16.96 22.79
CA PHE A 200 -11.68 17.39 23.05
C PHE A 200 -12.46 16.41 23.91
N VAL A 201 -11.86 15.27 24.26
CA VAL A 201 -12.49 14.37 25.23
C VAL A 201 -12.67 15.08 26.56
N TRP A 202 -11.66 15.83 27.00
CA TRP A 202 -11.73 16.56 28.26
C TRP A 202 -11.98 18.04 28.10
N ILE A 203 -11.91 18.57 26.89
CA ILE A 203 -12.23 19.99 26.68
C ILE A 203 -13.74 20.18 26.57
N ALA A 204 -14.41 19.33 25.80
CA ALA A 204 -15.84 19.52 25.56
C ALA A 204 -16.68 19.51 26.84
N PRO A 205 -16.46 18.63 27.82
CA PRO A 205 -17.25 18.75 29.06
C PRO A 205 -17.09 20.08 29.74
N LEU A 206 -15.89 20.66 29.72
CA LEU A 206 -15.69 21.98 30.30
C LEU A 206 -16.42 23.05 29.49
N GLN A 207 -16.41 22.92 28.16
CA GLN A 207 -17.13 23.88 27.32
C GLN A 207 -18.63 23.82 27.57
N VAL A 208 -19.19 22.61 27.70
CA VAL A 208 -20.62 22.48 27.97
C VAL A 208 -20.96 23.08 29.33
N ALA A 209 -20.15 22.77 30.34
CA ALA A 209 -20.43 23.29 31.68
C ALA A 209 -20.36 24.80 31.73
N LEU A 210 -19.34 25.38 31.10
CA LEU A 210 -19.21 26.83 31.09
C LEU A 210 -20.36 27.48 30.33
N LEU A 211 -20.71 26.96 29.16
CA LEU A 211 -21.77 27.56 28.36
C LEU A 211 -23.12 27.43 29.05
N MET A 212 -23.39 26.30 29.68
CA MET A 212 -24.67 26.13 30.37
C MET A 212 -24.80 27.10 31.54
N GLY A 213 -23.70 27.31 32.26
CA GLY A 213 -23.71 28.32 33.31
C GLY A 213 -23.88 29.72 32.76
N LEU A 214 -23.29 29.99 31.60
CA LEU A 214 -23.39 31.31 31.01
C LEU A 214 -24.76 31.57 30.40
N ILE A 215 -25.41 30.52 29.88
CA ILE A 215 -26.77 30.68 29.37
C ILE A 215 -27.77 30.79 30.51
N TRP A 216 -27.46 30.18 31.66
CA TRP A 216 -28.33 30.27 32.82
C TRP A 216 -28.55 31.73 33.24
N GLU A 217 -27.59 32.60 32.92
CA GLU A 217 -27.76 34.02 33.19
C GLU A 217 -28.93 34.60 32.41
N LEU A 218 -29.10 34.18 31.16
CA LEU A 218 -30.15 34.74 30.31
C LEU A 218 -31.50 34.10 30.60
N LEU A 219 -31.61 32.79 30.40
CA LEU A 219 -32.85 32.04 30.62
C LEU A 219 -32.72 31.38 31.98
N GLN A 220 -33.40 31.97 32.97
CA GLN A 220 -33.14 31.65 34.38
C GLN A 220 -33.19 30.15 34.66
N ALA A 221 -34.20 29.45 34.17
CA ALA A 221 -34.31 28.03 34.48
C ALA A 221 -34.71 27.20 33.27
N SER A 222 -34.96 27.85 32.14
CA SER A 222 -35.42 27.13 30.96
C SER A 222 -34.30 26.63 30.07
N ALA A 223 -33.05 26.98 30.37
CA ALA A 223 -31.93 26.55 29.54
C ALA A 223 -31.81 25.03 29.50
N PHE A 224 -32.18 24.35 30.59
CA PHE A 224 -32.05 22.90 30.63
C PHE A 224 -33.03 22.19 29.71
N CYS A 225 -34.11 22.86 29.30
CA CYS A 225 -34.98 22.25 28.30
C CYS A 225 -34.29 22.18 26.94
N GLY A 226 -33.36 23.11 26.68
CA GLY A 226 -32.55 23.02 25.47
C GLY A 226 -31.38 22.08 25.60
N LEU A 227 -30.88 21.87 26.83
CA LEU A 227 -29.75 20.97 27.03
C LEU A 227 -30.18 19.51 26.94
N GLY A 228 -31.38 19.19 27.39
CA GLY A 228 -31.85 17.81 27.32
C GLY A 228 -31.93 17.30 25.91
N PHE A 229 -32.24 18.18 24.94
CA PHE A 229 -32.22 17.76 23.55
C PHE A 229 -30.81 17.37 23.11
N LEU A 230 -29.80 18.11 23.55
CA LEU A 230 -28.43 17.79 23.17
C LEU A 230 -27.93 16.52 23.86
N ILE A 231 -28.38 16.28 25.09
CA ILE A 231 -27.96 15.07 25.79
C ILE A 231 -28.51 13.83 25.11
N VAL A 232 -29.79 13.87 24.71
CA VAL A 232 -30.36 12.76 23.94
C VAL A 232 -29.64 12.61 22.61
N LEU A 233 -29.33 13.73 21.96
CA LEU A 233 -28.61 13.68 20.70
C LEU A 233 -27.23 13.05 20.88
N ALA A 234 -26.53 13.41 21.96
CA ALA A 234 -25.19 12.86 22.18
C ALA A 234 -25.25 11.36 22.41
N LEU A 235 -26.24 10.89 23.18
CA LEU A 235 -26.37 9.46 23.39
C LEU A 235 -26.68 8.73 22.08
N PHE A 236 -27.61 9.27 21.29
CA PHE A 236 -27.90 8.69 19.99
C PHE A 236 -26.68 8.76 19.08
N GLN A 237 -25.94 9.86 19.13
CA GLN A 237 -24.77 10.00 18.27
C GLN A 237 -23.69 9.00 18.65
N ALA A 238 -23.47 8.80 19.95
CA ALA A 238 -22.48 7.81 20.38
C ALA A 238 -22.90 6.41 20.02
N GLY A 239 -24.21 6.15 19.96
CA GLY A 239 -24.68 4.84 19.54
C GLY A 239 -24.36 4.55 18.08
N LEU A 240 -24.49 5.57 17.23
CA LEU A 240 -24.12 5.38 15.83
C LEU A 240 -22.62 5.20 15.67
N GLY A 241 -21.82 5.90 16.46
CA GLY A 241 -20.38 5.70 16.40
C GLY A 241 -19.96 4.31 16.83
N ARG A 242 -20.62 3.77 17.84
CA ARG A 242 -20.39 2.38 18.22
C ARG A 242 -20.80 1.44 17.10
N MET A 243 -21.93 1.73 16.44
CA MET A 243 -22.40 0.87 15.36
C MET A 243 -21.46 0.91 14.16
N MET A 244 -20.85 2.06 13.89
CA MET A 244 -19.97 2.17 12.73
C MET A 244 -18.80 1.22 12.81
N MET A 245 -18.20 1.09 14.00
CA MET A 245 -17.02 0.23 14.14
C MET A 245 -17.35 -1.23 13.91
N LYS A 246 -18.59 -1.64 14.16
CA LYS A 246 -18.97 -3.02 13.87
C LYS A 246 -18.87 -3.31 12.37
N TYR A 247 -19.31 -2.37 11.53
CA TYR A 247 -19.21 -2.57 10.09
C TYR A 247 -17.78 -2.43 9.60
N ARG A 248 -16.95 -1.67 10.31
CA ARG A 248 -15.58 -1.46 9.86
C ARG A 248 -14.68 -2.64 10.23
N ASP A 249 -14.97 -3.34 11.32
CA ASP A 249 -14.17 -4.51 11.68
C ASP A 249 -14.50 -5.71 10.80
N GLN A 250 -15.75 -5.86 10.39
CA GLN A 250 -16.11 -6.95 9.50
C GLN A 250 -15.44 -6.80 8.14
N ARG A 251 -15.04 -5.58 7.78
CA ARG A 251 -14.46 -5.32 6.47
C ARG A 251 -12.96 -5.54 6.41
N ALA A 252 -12.27 -5.53 7.55
CA ALA A 252 -10.81 -5.60 7.54
C ALA A 252 -10.31 -6.90 6.91
N GLY A 253 -11.00 -8.01 7.15
CA GLY A 253 -10.54 -9.28 6.62
C GLY A 253 -10.66 -9.40 5.13
N LYS A 254 -11.77 -8.94 4.56
CA LYS A 254 -12.01 -9.07 3.13
C LYS A 254 -11.24 -8.05 2.30
N ILE A 255 -10.75 -6.96 2.92
CA ILE A 255 -9.91 -6.04 2.18
C ILE A 255 -8.45 -6.49 2.21
N SER A 256 -8.02 -7.13 3.31
CA SER A 256 -6.69 -7.73 3.34
C SER A 256 -6.60 -8.90 2.39
N GLU A 257 -7.69 -9.66 2.24
CA GLU A 257 -7.71 -10.76 1.29
C GLU A 257 -7.54 -10.24 -0.14
N ARG A 258 -8.16 -9.11 -0.46
CA ARG A 258 -8.04 -8.53 -1.80
C ARG A 258 -6.61 -8.07 -2.07
N LEU A 259 -5.99 -7.41 -1.09
CA LEU A 259 -4.66 -6.84 -1.29
C LEU A 259 -3.59 -7.90 -1.50
N VAL A 260 -3.83 -9.14 -1.07
CA VAL A 260 -2.89 -10.21 -1.33
C VAL A 260 -3.01 -10.69 -2.78
N ILE A 261 -4.23 -10.98 -3.21
CA ILE A 261 -4.44 -11.49 -4.57
C ILE A 261 -4.08 -10.44 -5.61
N THR A 262 -4.34 -9.17 -5.32
CA THR A 262 -4.01 -8.12 -6.29
C THR A 262 -2.51 -8.05 -6.53
N SER A 263 -1.71 -8.18 -5.48
CA SER A 263 -0.26 -8.15 -5.64
C SER A 263 0.26 -9.41 -6.31
N GLU A 264 -0.37 -10.56 -6.01
CA GLU A 264 0.12 -11.82 -6.57
C GLU A 264 0.00 -11.84 -8.09
N MET A 265 -1.15 -11.40 -8.61
CA MET A 265 -1.38 -11.50 -10.05
C MET A 265 -0.51 -10.50 -10.81
N ILE A 266 -0.25 -9.34 -10.23
CA ILE A 266 0.37 -8.26 -11.00
C ILE A 266 1.89 -8.38 -11.04
N GLU A 267 2.52 -9.01 -10.05
CA GLU A 267 3.94 -9.27 -10.14
C GLU A 267 4.27 -10.46 -11.03
N ASN A 268 3.27 -11.26 -11.39
CA ASN A 268 3.42 -12.35 -12.35
C ASN A 268 2.52 -12.13 -13.56
N ILE A 269 2.30 -10.87 -13.93
CA ILE A 269 1.39 -10.54 -15.01
C ILE A 269 1.86 -11.12 -16.35
N GLN A 270 3.15 -11.43 -16.46
CA GLN A 270 3.66 -12.06 -17.68
C GLN A 270 2.96 -13.39 -17.93
N SER A 271 2.81 -14.21 -16.88
CA SER A 271 2.14 -15.50 -17.03
C SER A 271 0.64 -15.33 -17.22
N VAL A 272 0.04 -14.33 -16.57
CA VAL A 272 -1.39 -14.10 -16.71
C VAL A 272 -1.76 -13.79 -18.16
N LYS A 273 -0.96 -12.93 -18.81
CA LYS A 273 -1.20 -12.64 -20.22
C LYS A 273 -1.02 -13.89 -21.08
N ALA A 274 -0.01 -14.70 -20.77
CA ALA A 274 0.23 -15.91 -21.56
C ALA A 274 -0.92 -16.89 -21.45
N TYR A 275 -1.56 -16.99 -20.28
CA TYR A 275 -2.70 -17.87 -20.10
C TYR A 275 -4.01 -17.24 -20.56
N CYS A 276 -4.03 -15.95 -20.86
CA CYS A 276 -5.27 -15.23 -21.21
C CYS A 276 -6.28 -15.29 -20.08
N TRP A 277 -5.86 -14.85 -18.89
CA TRP A 277 -6.66 -14.93 -17.68
C TRP A 277 -7.14 -13.56 -17.19
N GLU A 278 -7.13 -12.54 -18.05
CA GLU A 278 -7.55 -11.21 -17.61
C GLU A 278 -8.95 -11.23 -17.02
N GLU A 279 -9.90 -11.85 -17.74
CA GLU A 279 -11.28 -11.85 -17.28
C GLU A 279 -11.44 -12.64 -16.00
N ALA A 280 -10.72 -13.76 -15.87
CA ALA A 280 -10.84 -14.58 -14.66
C ALA A 280 -10.38 -13.81 -13.44
N MET A 281 -9.28 -13.07 -13.56
CA MET A 281 -8.79 -12.29 -12.42
C MET A 281 -9.73 -11.15 -12.08
N GLU A 282 -10.28 -10.48 -13.10
CA GLU A 282 -11.19 -9.37 -12.85
C GLU A 282 -12.44 -9.84 -12.11
N LYS A 283 -13.00 -10.98 -12.52
CA LYS A 283 -14.17 -11.51 -11.84
C LYS A 283 -13.85 -11.89 -10.40
N MET A 284 -12.67 -12.48 -10.17
CA MET A 284 -12.30 -12.89 -8.82
C MET A 284 -12.17 -11.68 -7.90
N ILE A 285 -11.55 -10.61 -8.39
CA ILE A 285 -11.41 -9.41 -7.58
C ILE A 285 -12.76 -8.74 -7.37
N GLU A 286 -13.60 -8.71 -8.41
CA GLU A 286 -14.89 -8.03 -8.28
C GLU A 286 -15.82 -8.78 -7.34
N ASN A 287 -15.69 -10.11 -7.24
CA ASN A 287 -16.46 -10.84 -6.24
C ASN A 287 -16.02 -10.48 -4.83
N LEU A 288 -14.74 -10.17 -4.64
CA LEU A 288 -14.28 -9.73 -3.33
C LEU A 288 -14.70 -8.28 -3.06
N ARG A 289 -14.68 -7.43 -4.09
CA ARG A 289 -15.05 -6.04 -3.91
C ARG A 289 -16.54 -5.88 -3.60
N GLN A 290 -17.37 -6.82 -4.07
CA GLN A 290 -18.82 -6.69 -3.87
C GLN A 290 -19.16 -6.66 -2.40
N THR A 291 -18.64 -7.61 -1.62
CA THR A 291 -18.94 -7.65 -0.19
C THR A 291 -18.27 -6.49 0.55
N GLU A 292 -17.08 -6.08 0.10
CA GLU A 292 -16.41 -4.95 0.72
C GLU A 292 -17.21 -3.66 0.54
N LEU A 293 -17.71 -3.42 -0.67
CA LEU A 293 -18.50 -2.23 -0.92
C LEU A 293 -19.86 -2.29 -0.23
N LYS A 294 -20.41 -3.49 -0.07
CA LYS A 294 -21.67 -3.63 0.65
C LYS A 294 -21.53 -3.17 2.09
N LEU A 295 -20.43 -3.55 2.75
CA LEU A 295 -20.18 -3.08 4.10
C LEU A 295 -19.82 -1.60 4.12
N THR A 296 -19.21 -1.09 3.05
CA THR A 296 -18.87 0.33 3.02
C THR A 296 -20.12 1.20 2.95
N ARG A 297 -21.09 0.82 2.13
CA ARG A 297 -22.33 1.59 2.06
C ARG A 297 -23.08 1.56 3.38
N LYS A 298 -23.17 0.38 4.01
CA LYS A 298 -23.87 0.28 5.29
C LYS A 298 -23.16 1.06 6.37
N ALA A 299 -21.84 1.21 6.26
CA ALA A 299 -21.12 2.10 7.17
C ALA A 299 -21.35 3.56 6.81
N ALA A 300 -21.34 3.88 5.52
CA ALA A 300 -21.49 5.27 5.09
C ALA A 300 -22.87 5.83 5.43
N TYR A 301 -23.91 5.00 5.37
CA TYR A 301 -25.24 5.48 5.73
C TYR A 301 -25.29 5.90 7.19
N VAL A 302 -24.67 5.13 8.08
CA VAL A 302 -24.66 5.47 9.49
C VAL A 302 -23.80 6.72 9.71
N ARG A 303 -22.63 6.77 9.08
CA ARG A 303 -21.75 7.93 9.25
C ARG A 303 -22.35 9.21 8.71
N TYR A 304 -23.29 9.13 7.77
CA TYR A 304 -23.97 10.34 7.32
C TYR A 304 -24.78 10.97 8.44
N PHE A 305 -25.59 10.17 9.14
CA PHE A 305 -26.36 10.69 10.26
C PHE A 305 -25.43 11.15 11.38
N ASN A 306 -24.31 10.46 11.57
CA ASN A 306 -23.32 10.89 12.55
C ASN A 306 -22.79 12.27 12.21
N SER A 307 -22.61 12.56 10.93
CA SER A 307 -22.08 13.85 10.51
C SER A 307 -23.16 14.92 10.50
N SER A 308 -24.34 14.60 9.97
CA SER A 308 -25.38 15.60 9.77
C SER A 308 -26.17 15.93 11.03
N ALA A 309 -25.83 15.32 12.17
CA ALA A 309 -26.55 15.65 13.40
C ALA A 309 -26.38 17.11 13.78
N PHE A 310 -25.27 17.73 13.39
CA PHE A 310 -25.02 19.12 13.78
C PHE A 310 -25.96 20.07 13.05
N PHE A 311 -26.12 19.90 11.74
CA PHE A 311 -26.89 20.86 10.94
C PHE A 311 -28.36 20.83 11.31
N PHE A 312 -28.91 19.64 11.56
CA PHE A 312 -30.31 19.53 11.98
C PHE A 312 -30.45 19.60 13.49
N SER A 313 -29.79 20.59 14.10
CA SER A 313 -29.91 20.80 15.54
C SER A 313 -30.09 22.27 15.85
N GLY A 314 -29.81 23.14 14.87
CA GLY A 314 -29.81 24.57 15.09
C GLY A 314 -31.16 25.12 15.50
N PHE A 315 -32.16 24.97 14.63
CA PHE A 315 -33.48 25.52 14.92
C PHE A 315 -34.08 24.88 16.17
N PHE A 316 -33.87 23.59 16.36
CA PHE A 316 -34.51 22.89 17.47
C PHE A 316 -33.94 23.34 18.83
N VAL A 317 -32.61 23.40 18.94
CA VAL A 317 -32.00 23.78 20.21
C VAL A 317 -32.43 25.19 20.61
N VAL A 318 -32.45 26.11 19.65
CA VAL A 318 -32.90 27.47 19.93
C VAL A 318 -34.37 27.48 20.31
N PHE A 319 -35.21 26.84 19.49
CA PHE A 319 -36.65 26.86 19.74
C PHE A 319 -37.00 26.20 21.07
N LEU A 320 -36.43 25.01 21.34
CA LEU A 320 -36.81 24.27 22.53
C LEU A 320 -36.33 24.92 23.81
N SER A 321 -35.36 25.84 23.72
CA SER A 321 -34.85 26.50 24.92
C SER A 321 -35.63 27.76 25.24
N VAL A 322 -36.00 28.54 24.22
CA VAL A 322 -36.67 29.81 24.44
C VAL A 322 -38.18 29.68 24.62
N LEU A 323 -38.78 28.59 24.16
CA LEU A 323 -40.23 28.46 24.22
C LEU A 323 -40.78 28.48 25.64
N PRO A 324 -40.26 27.67 26.60
CA PRO A 324 -40.82 27.74 27.95
C PRO A 324 -40.57 29.07 28.65
N TYR A 325 -39.57 29.83 28.23
CA TYR A 325 -39.30 31.14 28.80
C TYR A 325 -40.22 32.20 28.19
N ALA A 326 -40.40 32.17 26.88
CA ALA A 326 -41.25 33.16 26.22
C ALA A 326 -42.71 33.01 26.61
N LEU A 327 -43.15 31.78 26.89
CA LEU A 327 -44.55 31.57 27.26
C LEU A 327 -44.87 32.21 28.60
N ILE A 328 -43.93 32.20 29.53
CA ILE A 328 -44.19 32.73 30.87
C ILE A 328 -43.98 34.23 30.95
N LYS A 329 -43.01 34.77 30.23
CA LYS A 329 -42.76 36.21 30.24
C LYS A 329 -42.24 36.63 28.87
N GLY A 330 -42.46 37.91 28.55
CA GLY A 330 -42.07 38.44 27.26
C GLY A 330 -40.58 38.35 26.99
N ILE A 331 -40.22 37.95 25.78
CA ILE A 331 -38.83 37.83 25.37
C ILE A 331 -38.50 38.92 24.37
N ILE A 332 -37.35 39.54 24.54
CA ILE A 332 -36.85 40.58 23.64
C ILE A 332 -35.90 39.95 22.65
N LEU A 333 -35.89 40.45 21.41
CA LEU A 333 -35.00 39.90 20.40
C LEU A 333 -33.54 39.99 20.83
N ARG A 334 -33.21 40.94 21.71
CA ARG A 334 -31.84 41.07 22.19
C ARG A 334 -31.37 39.77 22.86
N LYS A 335 -32.26 39.12 23.61
CA LYS A 335 -31.87 37.88 24.27
C LYS A 335 -32.02 36.67 23.36
N ILE A 336 -32.89 36.73 22.35
CA ILE A 336 -33.02 35.62 21.42
C ILE A 336 -31.73 35.43 20.63
N PHE A 337 -31.17 36.54 20.11
CA PHE A 337 -29.95 36.44 19.34
C PHE A 337 -28.77 36.03 20.21
N THR A 338 -28.71 36.54 21.44
CA THR A 338 -27.60 36.17 22.32
C THR A 338 -27.68 34.70 22.70
N THR A 339 -28.88 34.15 22.85
CA THR A 339 -29.01 32.71 23.04
C THR A 339 -28.53 31.95 21.81
N ILE A 340 -28.87 32.45 20.62
CA ILE A 340 -28.40 31.81 19.39
C ILE A 340 -26.87 31.87 19.33
N SER A 341 -26.28 32.99 19.71
CA SER A 341 -24.83 33.14 19.63
C SER A 341 -24.11 32.25 20.62
N PHE A 342 -24.81 31.70 21.60
CA PHE A 342 -24.24 30.69 22.49
C PHE A 342 -24.49 29.28 21.98
N CYS A 343 -25.66 29.03 21.38
CA CYS A 343 -25.96 27.70 20.86
C CYS A 343 -25.07 27.36 19.68
N ILE A 344 -24.68 28.36 18.88
CA ILE A 344 -23.82 28.09 17.73
C ILE A 344 -22.50 27.48 18.17
N VAL A 345 -22.05 27.81 19.38
CA VAL A 345 -20.85 27.20 19.93
C VAL A 345 -21.18 25.92 20.68
N LEU A 346 -22.27 25.91 21.45
CA LEU A 346 -22.61 24.75 22.24
C LEU A 346 -22.91 23.54 21.36
N ARG A 347 -23.52 23.77 20.20
CA ARG A 347 -23.84 22.66 19.29
C ARG A 347 -22.57 22.00 18.77
N MET A 348 -21.61 22.80 18.31
CA MET A 348 -20.39 22.23 17.77
C MET A 348 -19.56 21.55 18.85
N ALA A 349 -19.63 22.05 20.09
CA ALA A 349 -18.85 21.48 21.17
C ALA A 349 -19.31 20.07 21.51
N VAL A 350 -20.61 19.80 21.40
CA VAL A 350 -21.18 18.53 21.83
C VAL A 350 -21.62 17.64 20.69
N THR A 351 -21.69 18.17 19.45
CA THR A 351 -22.12 17.37 18.31
C THR A 351 -21.02 17.18 17.26
N ARG A 352 -19.96 17.98 17.29
CA ARG A 352 -18.92 17.88 16.27
C ARG A 352 -17.51 17.76 16.84
N GLN A 353 -17.27 18.16 18.09
CA GLN A 353 -15.96 18.01 18.70
C GLN A 353 -15.89 16.77 19.58
N PHE A 354 -16.81 16.64 20.52
CA PHE A 354 -16.76 15.51 21.45
C PHE A 354 -16.87 14.16 20.77
N PRO A 355 -17.87 13.88 19.92
CA PRO A 355 -17.94 12.55 19.30
C PRO A 355 -16.75 12.25 18.40
N TRP A 356 -16.17 13.28 17.77
CA TRP A 356 -14.97 13.07 16.97
C TRP A 356 -13.79 12.70 17.85
N ALA A 357 -13.67 13.34 19.01
CA ALA A 357 -12.61 12.99 19.95
C ALA A 357 -12.75 11.56 20.43
N VAL A 358 -13.96 11.17 20.83
CA VAL A 358 -14.18 9.82 21.33
C VAL A 358 -13.87 8.78 20.25
N GLN A 359 -14.34 9.03 19.02
CA GLN A 359 -14.07 8.10 17.93
C GLN A 359 -12.57 7.95 17.67
N THR A 360 -11.82 9.06 17.74
CA THR A 360 -10.38 9.00 17.52
C THR A 360 -9.70 8.18 18.61
N TRP A 361 -10.12 8.36 19.86
CA TRP A 361 -9.57 7.54 20.94
C TRP A 361 -9.90 6.07 20.72
N TYR A 362 -11.10 5.77 20.23
CA TYR A 362 -11.45 4.40 19.87
C TYR A 362 -10.46 3.84 18.85
N ASP A 363 -10.21 4.60 17.78
CA ASP A 363 -9.38 4.09 16.69
C ASP A 363 -7.93 3.94 17.10
N SER A 364 -7.34 4.99 17.70
CA SER A 364 -5.91 4.98 17.98
C SER A 364 -5.57 3.91 19.01
N LEU A 365 -6.39 3.77 20.05
CA LEU A 365 -6.13 2.73 21.04
C LEU A 365 -6.33 1.34 20.46
N GLY A 366 -7.24 1.20 19.50
CA GLY A 366 -7.38 -0.08 18.82
C GLY A 366 -6.16 -0.43 17.99
N ALA A 367 -5.60 0.56 17.30
CA ALA A 367 -4.40 0.29 16.50
C ALA A 367 -3.20 -0.01 17.38
N ILE A 368 -3.07 0.69 18.50
CA ILE A 368 -1.95 0.44 19.41
C ILE A 368 -2.06 -0.94 20.03
N ASN A 369 -3.27 -1.33 20.45
CA ASN A 369 -3.44 -2.67 21.01
C ASN A 369 -3.30 -3.75 19.95
N LYS A 370 -3.51 -3.43 18.67
CA LYS A 370 -3.27 -4.41 17.64
C LYS A 370 -1.78 -4.56 17.36
N ILE A 371 -1.04 -3.44 17.41
CA ILE A 371 0.41 -3.52 17.25
C ILE A 371 1.05 -4.15 18.48
N GLN A 372 0.45 -3.97 19.66
CA GLN A 372 0.93 -4.68 20.85
C GLN A 372 0.82 -6.18 20.66
N ASP A 373 -0.28 -6.64 20.06
CA ASP A 373 -0.40 -8.05 19.73
C ASP A 373 0.67 -8.48 18.75
N PHE A 374 0.96 -7.64 17.76
CA PHE A 374 1.98 -7.97 16.77
C PHE A 374 3.34 -8.14 17.42
N LEU A 375 3.67 -7.28 18.38
CA LEU A 375 4.99 -7.32 19.01
C LEU A 375 5.19 -8.49 19.95
N GLN A 376 4.15 -9.28 20.24
CA GLN A 376 4.25 -10.36 21.21
C GLN A 376 4.03 -11.74 20.57
N LYS A 377 4.20 -11.86 19.26
CA LYS A 377 4.05 -13.14 18.61
C LYS A 377 5.31 -13.99 18.77
N GLN A 378 5.21 -15.26 18.42
CA GLN A 378 6.33 -16.20 18.55
C GLN A 378 7.53 -15.71 17.74
N GLU A 379 8.70 -15.76 18.37
CA GLU A 379 9.92 -15.21 17.81
C GLU A 379 10.95 -16.29 17.52
N TYR A 380 11.70 -16.10 16.44
CA TYR A 380 12.77 -17.01 16.02
C TYR A 380 13.88 -17.07 17.07
N LYS A 381 14.06 -18.23 17.69
CA LYS A 381 15.14 -18.41 18.66
C LYS A 381 16.42 -18.83 17.96
N THR A 382 17.56 -18.37 18.47
CA THR A 382 18.85 -18.58 17.85
C THR A 382 19.83 -19.24 18.81
N LEU A 383 19.34 -20.08 19.71
CA LEU A 383 20.18 -20.74 20.70
C LEU A 383 21.06 -21.77 20.00
N GLU A 384 22.32 -21.43 19.77
CA GLU A 384 23.24 -22.31 19.07
C GLU A 384 24.66 -21.96 19.49
N TYR A 385 25.57 -22.91 19.28
CA TYR A 385 26.96 -22.72 19.65
C TYR A 385 27.62 -21.71 18.72
N ASN A 386 28.70 -21.10 19.21
CA ASN A 386 29.50 -20.19 18.42
C ASN A 386 30.94 -20.65 18.24
N LEU A 387 31.36 -21.71 18.91
CA LEU A 387 32.70 -22.24 18.76
C LEU A 387 32.66 -23.74 19.01
N THR A 388 33.24 -24.51 18.09
CA THR A 388 33.23 -25.96 18.18
C THR A 388 34.35 -26.50 17.30
N THR A 389 34.36 -27.82 17.11
CA THR A 389 35.34 -28.46 16.24
C THR A 389 35.08 -28.24 14.76
N THR A 390 34.15 -27.36 14.40
CA THR A 390 33.72 -27.12 13.02
C THR A 390 33.12 -28.37 12.39
N GLU A 391 32.79 -29.38 13.18
CA GLU A 391 32.32 -30.67 12.69
C GLU A 391 30.80 -30.67 12.70
N VAL A 392 30.20 -30.49 11.53
CA VAL A 392 28.74 -30.49 11.41
C VAL A 392 28.25 -31.92 11.62
N VAL A 393 27.48 -32.14 12.69
CA VAL A 393 26.99 -33.46 13.05
C VAL A 393 25.50 -33.36 13.38
N MET A 394 24.75 -34.39 12.98
CA MET A 394 23.33 -34.46 13.25
C MET A 394 22.97 -35.90 13.64
N GLU A 395 21.93 -36.05 14.46
CA GLU A 395 21.57 -37.37 14.96
C GLU A 395 20.11 -37.41 15.37
N ASN A 396 19.37 -38.42 14.89
CA ASN A 396 18.03 -38.75 15.36
C ASN A 396 17.06 -37.58 15.24
N VAL A 397 17.14 -36.83 14.14
CA VAL A 397 16.32 -35.64 13.97
C VAL A 397 15.02 -36.00 13.27
N THR A 398 13.90 -35.54 13.82
CA THR A 398 12.59 -35.61 13.18
C THR A 398 11.94 -34.23 13.27
N ALA A 399 11.04 -33.94 12.34
CA ALA A 399 10.42 -32.62 12.31
C ALA A 399 9.01 -32.70 11.73
N PHE A 400 8.17 -31.75 12.13
CA PHE A 400 6.84 -31.57 11.57
C PHE A 400 6.65 -30.11 11.20
N TRP A 401 6.09 -29.85 10.03
CA TRP A 401 5.71 -28.48 9.70
C TRP A 401 4.51 -28.03 10.52
N GLU A 402 3.52 -28.90 10.68
CA GLU A 402 2.30 -28.57 11.41
C GLU A 402 2.56 -28.67 12.90
N GLU A 403 2.29 -27.57 13.63
CA GLU A 403 2.57 -27.55 15.05
C GLU A 403 1.76 -28.58 15.82
N GLY A 404 0.50 -28.78 15.45
CA GLY A 404 -0.35 -29.69 16.19
C GLY A 404 0.09 -31.14 16.07
N PHE A 405 0.58 -31.54 14.90
CA PHE A 405 1.04 -32.91 14.74
C PHE A 405 2.25 -33.20 15.61
N GLY A 406 3.19 -32.24 15.70
CA GLY A 406 4.33 -32.43 16.56
C GLY A 406 4.00 -32.31 18.03
N GLU A 407 2.93 -31.59 18.36
CA GLU A 407 2.50 -31.51 19.75
C GLU A 407 1.88 -32.82 20.22
N LEU A 408 1.28 -33.58 19.31
CA LEU A 408 0.75 -34.89 19.66
C LEU A 408 1.85 -35.91 19.86
N PHE A 409 2.97 -35.76 19.15
CA PHE A 409 4.09 -36.69 19.27
C PHE A 409 5.32 -35.99 19.82
N GLY A 437 -0.39 -38.20 9.03
CA GLY A 437 0.53 -37.13 9.35
C GLY A 437 1.98 -37.60 9.37
N THR A 438 2.52 -37.91 8.19
CA THR A 438 3.89 -38.38 8.10
C THR A 438 4.86 -37.26 8.46
N PRO A 439 5.80 -37.49 9.37
CA PRO A 439 6.81 -36.47 9.65
C PRO A 439 7.64 -36.17 8.41
N VAL A 440 8.02 -34.90 8.27
CA VAL A 440 8.81 -34.49 7.10
C VAL A 440 10.13 -35.27 7.04
N LEU A 441 10.78 -35.43 8.19
CA LEU A 441 11.98 -36.26 8.30
C LEU A 441 11.83 -37.20 9.48
N LYS A 442 12.49 -38.35 9.40
CA LYS A 442 12.49 -39.31 10.49
C LYS A 442 13.86 -39.96 10.58
N ASP A 443 14.50 -39.85 11.74
CA ASP A 443 15.72 -40.57 12.07
C ASP A 443 16.80 -40.38 11.00
N ILE A 444 17.27 -39.14 10.89
CA ILE A 444 18.33 -38.77 9.95
C ILE A 444 19.59 -38.45 10.74
N ASN A 445 20.74 -38.86 10.21
CA ASN A 445 22.02 -38.58 10.85
C ASN A 445 23.13 -38.53 9.80
N PHE A 446 24.12 -37.68 10.05
CA PHE A 446 25.29 -37.57 9.18
C PHE A 446 26.39 -36.82 9.92
N LYS A 447 27.57 -36.77 9.31
CA LYS A 447 28.73 -36.12 9.92
C LYS A 447 29.75 -35.76 8.86
N ILE A 448 30.21 -34.51 8.88
CA ILE A 448 31.24 -34.01 7.97
C ILE A 448 32.21 -33.16 8.77
N GLU A 449 33.52 -33.40 8.61
CA GLU A 449 34.46 -32.72 9.49
C GLU A 449 34.87 -31.33 9.02
N ARG A 450 35.67 -31.25 7.95
CA ARG A 450 36.24 -29.97 7.57
C ARG A 450 36.37 -29.77 6.06
N GLY A 451 35.37 -30.13 5.28
CA GLY A 451 35.47 -29.92 3.85
C GLY A 451 34.94 -31.05 3.00
N GLN A 452 34.25 -32.00 3.63
CA GLN A 452 33.60 -33.06 2.88
C GLN A 452 32.43 -32.49 2.10
N LEU A 453 32.36 -32.82 0.81
CA LEU A 453 31.23 -32.44 -0.04
C LEU A 453 30.15 -33.48 0.13
N LEU A 454 29.15 -33.17 0.97
CA LEU A 454 28.04 -34.09 1.25
C LEU A 454 26.95 -33.84 0.21
N ALA A 455 26.78 -34.77 -0.72
CA ALA A 455 25.81 -34.64 -1.80
C ALA A 455 24.47 -35.20 -1.34
N VAL A 456 23.49 -34.32 -1.14
CA VAL A 456 22.13 -34.75 -0.83
C VAL A 456 21.39 -35.04 -2.13
N ALA A 457 20.74 -36.20 -2.19
CA ALA A 457 19.98 -36.58 -3.37
C ALA A 457 18.68 -37.26 -2.94
N GLY A 458 17.82 -37.50 -3.90
CA GLY A 458 16.56 -38.17 -3.65
C GLY A 458 15.52 -37.76 -4.66
N SER A 459 14.35 -38.38 -4.54
CA SER A 459 13.24 -38.10 -5.43
C SER A 459 12.58 -36.76 -5.06
N THR A 460 11.73 -36.27 -5.95
CA THR A 460 11.03 -35.02 -5.70
C THR A 460 10.12 -35.14 -4.49
N GLY A 461 10.11 -34.10 -3.66
CA GLY A 461 9.25 -34.08 -2.50
C GLY A 461 9.64 -35.04 -1.40
N ALA A 462 10.76 -35.75 -1.53
CA ALA A 462 11.23 -36.59 -0.44
C ALA A 462 11.75 -35.76 0.72
N GLY A 463 12.10 -34.50 0.47
CA GLY A 463 12.58 -33.59 1.49
C GLY A 463 14.08 -33.44 1.45
N LYS A 464 14.52 -32.38 0.80
CA LYS A 464 15.91 -31.92 0.78
C LYS A 464 16.02 -30.47 1.21
N THR A 465 15.10 -29.63 0.78
CA THR A 465 15.06 -28.25 1.27
C THR A 465 14.79 -28.22 2.76
N SER A 466 13.88 -29.07 3.24
CA SER A 466 13.59 -29.12 4.67
C SER A 466 14.81 -29.52 5.47
N LEU A 467 15.66 -30.39 4.92
CA LEU A 467 16.88 -30.78 5.62
C LEU A 467 17.77 -29.58 5.85
N LEU A 468 17.82 -28.66 4.88
CA LEU A 468 18.65 -27.47 5.04
C LEU A 468 18.02 -26.48 6.02
N MET A 469 16.69 -26.36 6.01
CA MET A 469 16.04 -25.44 6.94
C MET A 469 16.18 -25.91 8.38
N VAL A 470 16.20 -27.23 8.59
CA VAL A 470 16.43 -27.76 9.93
C VAL A 470 17.83 -27.38 10.42
N ILE A 471 18.81 -27.40 9.51
CA ILE A 471 20.17 -27.01 9.88
C ILE A 471 20.23 -25.53 10.25
N MET A 472 19.58 -24.68 9.45
CA MET A 472 19.61 -23.24 9.70
C MET A 472 18.83 -22.83 10.93
N GLY A 473 18.03 -23.74 11.50
CA GLY A 473 17.16 -23.38 12.60
C GLY A 473 15.80 -22.85 12.20
N GLU A 474 15.47 -22.88 10.91
CA GLU A 474 14.17 -22.47 10.42
C GLU A 474 13.08 -23.50 10.73
N LEU A 475 13.44 -24.66 11.26
CA LEU A 475 12.46 -25.70 11.55
C LEU A 475 13.00 -26.48 12.76
N GLU A 476 12.47 -26.17 13.94
CA GLU A 476 12.96 -26.79 15.17
C GLU A 476 12.64 -28.28 15.18
N PRO A 477 13.65 -29.15 15.29
CA PRO A 477 13.37 -30.59 15.36
C PRO A 477 12.81 -30.97 16.71
N SER A 478 11.73 -31.75 16.70
CA SER A 478 11.13 -32.20 17.96
C SER A 478 12.09 -33.10 18.73
N GLU A 479 12.85 -33.93 18.02
CA GLU A 479 13.79 -34.85 18.64
C GLU A 479 15.14 -34.76 17.95
N GLY A 480 16.17 -35.22 18.65
CA GLY A 480 17.51 -35.23 18.12
C GLY A 480 18.25 -33.93 18.33
N LYS A 481 19.50 -33.92 17.89
CA LYS A 481 20.39 -32.79 18.07
C LYS A 481 21.06 -32.44 16.74
N ILE A 482 21.44 -31.17 16.61
CA ILE A 482 22.17 -30.68 15.46
C ILE A 482 23.21 -29.68 15.95
N LYS A 483 24.48 -29.89 15.58
CA LYS A 483 25.58 -29.06 16.05
C LYS A 483 26.45 -28.65 14.87
N HIS A 484 26.86 -27.39 14.86
CA HIS A 484 27.71 -26.85 13.81
C HIS A 484 28.20 -25.48 14.26
N SER A 485 29.05 -24.88 13.42
CA SER A 485 29.59 -23.55 13.70
C SER A 485 28.55 -22.47 13.38
N GLY A 486 28.83 -21.27 13.87
CA GLY A 486 27.88 -20.17 13.70
C GLY A 486 27.76 -19.68 12.27
N ARG A 487 28.88 -19.46 11.60
CA ARG A 487 28.85 -18.85 10.28
C ARG A 487 28.32 -19.82 9.24
N ILE A 488 27.34 -19.38 8.46
CA ILE A 488 26.67 -20.23 7.48
C ILE A 488 26.30 -19.38 6.27
N SER A 489 26.25 -20.02 5.10
CA SER A 489 25.85 -19.37 3.86
C SER A 489 24.79 -20.22 3.17
N PHE A 490 23.91 -19.55 2.44
CA PHE A 490 22.72 -20.22 1.90
C PHE A 490 22.42 -19.74 0.49
N CYS A 491 22.29 -20.69 -0.44
CA CYS A 491 21.86 -20.44 -1.81
C CYS A 491 20.54 -21.16 -2.02
N SER A 492 19.45 -20.40 -2.02
CA SER A 492 18.12 -20.99 -2.02
C SER A 492 17.81 -21.68 -3.35
N GLN A 493 16.84 -22.59 -3.29
CA GLN A 493 16.35 -23.25 -4.49
C GLN A 493 15.49 -22.33 -5.33
N PHE A 494 15.00 -21.23 -4.75
CA PHE A 494 14.26 -20.21 -5.47
C PHE A 494 14.98 -18.88 -5.31
N SER A 495 15.40 -18.29 -6.42
CA SER A 495 16.25 -17.10 -6.39
C SER A 495 15.50 -15.91 -5.78
N TRP A 496 16.27 -15.03 -5.15
CA TRP A 496 15.76 -13.79 -4.57
C TRP A 496 16.71 -12.66 -4.94
N ILE A 497 16.24 -11.72 -5.74
CA ILE A 497 17.05 -10.60 -6.22
C ILE A 497 16.50 -9.32 -5.60
N MET A 498 17.29 -8.70 -4.72
CA MET A 498 16.91 -7.43 -4.15
C MET A 498 17.10 -6.30 -5.15
N PRO A 499 16.34 -5.22 -5.03
CA PRO A 499 16.53 -4.07 -5.92
C PRO A 499 17.94 -3.50 -5.80
N GLY A 500 18.48 -3.08 -6.93
CA GLY A 500 19.82 -2.52 -7.00
C GLY A 500 20.63 -3.16 -8.10
N THR A 501 21.88 -2.74 -8.18
CA THR A 501 22.79 -3.24 -9.21
C THR A 501 23.20 -4.68 -8.92
N ILE A 502 23.86 -5.29 -9.90
CA ILE A 502 24.39 -6.64 -9.71
C ILE A 502 25.42 -6.65 -8.60
N LYS A 503 26.22 -5.58 -8.49
CA LYS A 503 27.23 -5.53 -7.45
C LYS A 503 26.61 -5.53 -6.06
N GLU A 504 25.52 -4.78 -5.88
CA GLU A 504 24.85 -4.76 -4.58
C GLU A 504 24.31 -6.14 -4.20
N ASN A 505 23.80 -6.88 -5.18
CA ASN A 505 23.30 -8.22 -4.89
C ASN A 505 24.44 -9.15 -4.50
N ILE A 506 25.63 -8.96 -5.08
CA ILE A 506 26.73 -9.88 -4.83
C ILE A 506 27.35 -9.62 -3.46
N ILE A 507 27.76 -8.39 -3.18
CA ILE A 507 28.43 -8.11 -1.91
C ILE A 507 27.44 -8.22 -0.76
N PHE A 508 26.21 -7.75 -0.95
CA PHE A 508 25.13 -7.87 0.03
C PHE A 508 25.49 -7.20 1.35
N GLY A 509 25.94 -5.95 1.25
CA GLY A 509 26.09 -5.13 2.44
C GLY A 509 27.38 -5.27 3.20
N VAL A 510 28.50 -5.52 2.52
CA VAL A 510 29.81 -5.58 3.15
C VAL A 510 30.79 -4.76 2.32
N SER A 511 32.04 -4.73 2.77
CA SER A 511 33.08 -3.99 2.08
C SER A 511 33.34 -4.58 0.70
N TYR A 512 33.50 -3.70 -0.30
CA TYR A 512 33.73 -4.11 -1.68
C TYR A 512 35.20 -4.45 -1.87
N ASP A 513 35.50 -5.74 -1.98
CA ASP A 513 36.86 -6.21 -2.23
C ASP A 513 37.00 -6.52 -3.72
N GLU A 514 37.91 -5.81 -4.38
CA GLU A 514 38.07 -5.95 -5.81
C GLU A 514 38.49 -7.36 -6.20
N TYR A 515 39.57 -7.86 -5.58
CA TYR A 515 40.16 -9.12 -6.00
C TYR A 515 39.19 -10.29 -5.81
N ARG A 516 38.56 -10.37 -4.64
CA ARG A 516 37.60 -11.45 -4.40
C ARG A 516 36.39 -11.33 -5.30
N TYR A 517 35.94 -10.10 -5.57
CA TYR A 517 34.78 -9.88 -6.42
C TYR A 517 35.03 -10.41 -7.83
N ARG A 518 36.22 -10.13 -8.38
CA ARG A 518 36.51 -10.58 -9.74
C ARG A 518 36.67 -12.10 -9.80
N SER A 519 37.29 -12.69 -8.77
CA SER A 519 37.48 -14.14 -8.78
C SER A 519 36.15 -14.89 -8.70
N VAL A 520 35.20 -14.38 -7.90
CA VAL A 520 33.90 -15.03 -7.80
C VAL A 520 33.15 -14.93 -9.12
N ILE A 521 33.16 -13.76 -9.76
CA ILE A 521 32.45 -13.60 -11.02
C ILE A 521 33.06 -14.50 -12.09
N LYS A 522 34.40 -14.59 -12.14
CA LYS A 522 35.03 -15.47 -13.11
C LYS A 522 34.68 -16.93 -12.83
N ALA A 523 34.63 -17.31 -11.55
CA ALA A 523 34.26 -18.68 -11.20
C ALA A 523 32.83 -19.00 -11.61
N CYS A 524 31.92 -18.04 -11.48
CA CYS A 524 30.53 -18.24 -11.87
C CYS A 524 30.30 -18.06 -13.37
N GLN A 525 31.33 -17.68 -14.12
CA GLN A 525 31.22 -17.48 -15.57
C GLN A 525 30.13 -16.47 -15.91
N LEU A 526 30.01 -15.44 -15.07
CA LEU A 526 29.10 -14.34 -15.36
C LEU A 526 29.72 -13.29 -16.28
N GLU A 527 31.00 -13.39 -16.59
CA GLU A 527 31.66 -12.38 -17.43
C GLU A 527 31.02 -12.30 -18.80
N GLU A 528 30.75 -13.45 -19.43
CA GLU A 528 30.21 -13.45 -20.79
C GLU A 528 28.81 -12.86 -20.85
N ASP A 529 28.05 -12.97 -19.77
CA ASP A 529 26.68 -12.48 -19.73
C ASP A 529 26.57 -11.05 -19.23
N ILE A 530 27.40 -10.66 -18.27
CA ILE A 530 27.38 -9.29 -17.78
C ILE A 530 27.92 -8.32 -18.84
N SER A 531 28.84 -8.79 -19.68
CA SER A 531 29.40 -7.93 -20.72
C SER A 531 28.35 -7.44 -21.71
N LYS A 532 27.23 -8.15 -21.84
CA LYS A 532 26.19 -7.75 -22.78
C LYS A 532 25.40 -6.54 -22.31
N PHE A 533 25.46 -6.20 -21.03
CA PHE A 533 24.66 -5.12 -20.49
C PHE A 533 25.27 -3.76 -20.84
N ALA A 534 24.40 -2.74 -20.88
CA ALA A 534 24.84 -1.41 -21.31
C ALA A 534 25.87 -0.83 -20.35
N GLU A 535 25.63 -0.91 -19.04
CA GLU A 535 26.51 -0.32 -18.06
C GLU A 535 27.64 -1.25 -17.63
N LYS A 536 27.67 -2.48 -18.15
CA LYS A 536 28.70 -3.48 -17.96
C LYS A 536 28.84 -3.97 -16.53
N ASP A 537 28.32 -3.26 -15.53
CA ASP A 537 28.13 -3.89 -14.24
C ASP A 537 26.84 -3.47 -13.55
N ASN A 538 26.46 -2.21 -13.73
CA ASN A 538 25.43 -1.56 -12.92
C ASN A 538 24.13 -1.38 -13.70
N ILE A 539 23.35 -2.45 -13.82
CA ILE A 539 21.98 -2.35 -14.28
C ILE A 539 21.05 -2.41 -13.06
N VAL A 540 20.21 -1.40 -12.90
CA VAL A 540 19.32 -1.34 -11.74
C VAL A 540 18.21 -2.36 -11.92
N LEU A 541 18.29 -3.47 -11.18
CA LEU A 541 17.33 -4.55 -11.31
C LEU A 541 16.04 -4.24 -10.56
N GLY A 542 14.92 -4.63 -11.16
CA GLY A 542 13.65 -4.56 -10.48
C GLY A 542 13.52 -5.62 -9.41
N GLU A 543 12.51 -5.45 -8.57
CA GLU A 543 12.27 -6.41 -7.48
C GLU A 543 11.91 -7.76 -8.06
N GLY A 544 12.65 -8.79 -7.66
CA GLY A 544 12.47 -10.12 -8.20
C GLY A 544 13.30 -10.42 -9.43
N GLY A 545 14.04 -9.45 -9.96
CA GLY A 545 14.91 -9.70 -11.09
C GLY A 545 14.22 -10.06 -12.38
N ILE A 546 13.05 -9.46 -12.65
CA ILE A 546 12.35 -9.73 -13.89
C ILE A 546 13.19 -9.33 -15.09
N THR A 547 14.04 -8.31 -14.93
CA THR A 547 14.90 -7.87 -16.02
C THR A 547 15.86 -8.98 -16.48
N LEU A 548 16.18 -9.92 -15.59
CA LEU A 548 17.15 -10.96 -15.87
C LEU A 548 16.48 -12.27 -16.23
N SER A 549 17.27 -13.17 -16.81
CA SER A 549 16.77 -14.47 -17.19
C SER A 549 16.60 -15.37 -15.97
N GLY A 550 16.13 -16.59 -16.21
CA GLY A 550 16.00 -17.55 -15.12
C GLY A 550 17.33 -17.99 -14.57
N GLY A 551 18.29 -18.27 -15.45
CA GLY A 551 19.57 -18.78 -15.01
C GLY A 551 20.50 -17.71 -14.51
N GLN A 552 20.31 -16.48 -14.98
CA GLN A 552 21.15 -15.38 -14.51
C GLN A 552 20.85 -15.06 -13.05
N ARG A 553 19.58 -15.14 -12.64
CA ARG A 553 19.26 -14.94 -11.23
C ARG A 553 19.84 -16.06 -10.38
N ALA A 554 19.83 -17.29 -10.90
CA ALA A 554 20.37 -18.41 -10.13
C ALA A 554 21.85 -18.25 -9.87
N ARG A 555 22.61 -17.80 -10.88
CA ARG A 555 24.05 -17.64 -10.69
C ARG A 555 24.39 -16.42 -9.84
N ILE A 556 23.55 -15.39 -9.86
CA ILE A 556 23.77 -14.25 -8.97
C ILE A 556 23.50 -14.66 -7.53
N SER A 557 22.46 -15.45 -7.31
CA SER A 557 22.21 -15.98 -5.97
C SER A 557 23.35 -16.90 -5.53
N LEU A 558 23.93 -17.66 -6.47
CA LEU A 558 25.08 -18.47 -6.13
C LEU A 558 26.29 -17.60 -5.80
N ALA A 559 26.52 -16.56 -6.60
CA ALA A 559 27.69 -15.71 -6.38
C ALA A 559 27.61 -15.01 -5.03
N ARG A 560 26.40 -14.62 -4.61
CA ARG A 560 26.26 -13.99 -3.30
C ARG A 560 26.66 -14.94 -2.19
N ALA A 561 26.25 -16.21 -2.29
CA ALA A 561 26.64 -17.20 -1.29
C ALA A 561 28.14 -17.45 -1.30
N VAL A 562 28.72 -17.57 -2.49
CA VAL A 562 30.15 -17.86 -2.59
C VAL A 562 30.98 -16.72 -2.02
N TYR A 563 30.54 -15.48 -2.24
CA TYR A 563 31.33 -14.33 -1.83
C TYR A 563 31.55 -14.29 -0.32
N LYS A 564 30.49 -14.55 0.46
CA LYS A 564 30.62 -14.50 1.91
C LYS A 564 31.37 -15.71 2.42
N ASP A 565 32.38 -15.47 3.26
CA ASP A 565 33.10 -16.56 3.90
C ASP A 565 32.28 -17.16 5.03
N ALA A 566 32.13 -18.47 5.04
CA ALA A 566 31.40 -19.14 6.09
C ALA A 566 31.95 -20.55 6.27
N ASP A 567 31.75 -21.10 7.46
CA ASP A 567 32.19 -22.47 7.73
C ASP A 567 31.39 -23.47 6.91
N LEU A 568 30.09 -23.27 6.79
CA LEU A 568 29.21 -24.18 6.08
C LEU A 568 28.52 -23.47 4.92
N TYR A 569 28.47 -24.13 3.78
CA TYR A 569 27.78 -23.62 2.60
C TYR A 569 26.63 -24.55 2.25
N LEU A 570 25.42 -24.00 2.18
CA LEU A 570 24.22 -24.78 1.85
C LEU A 570 23.79 -24.40 0.43
N LEU A 571 24.26 -25.18 -0.54
CA LEU A 571 23.94 -24.94 -1.95
C LEU A 571 22.75 -25.79 -2.33
N ASP A 572 21.55 -25.20 -2.27
CA ASP A 572 20.31 -25.92 -2.53
C ASP A 572 20.02 -25.91 -4.03
N SER A 573 20.65 -26.84 -4.74
CA SER A 573 20.40 -27.11 -6.15
C SER A 573 20.55 -25.87 -7.02
N PRO A 574 21.74 -25.27 -7.10
CA PRO A 574 21.91 -24.14 -8.02
C PRO A 574 21.94 -24.54 -9.48
N PHE A 575 22.14 -25.83 -9.79
CA PHE A 575 22.24 -26.29 -11.17
C PHE A 575 20.88 -26.69 -11.71
N GLY A 576 19.92 -25.77 -11.64
CA GLY A 576 18.58 -26.04 -12.12
C GLY A 576 18.35 -25.62 -13.55
N TYR A 577 18.62 -24.34 -13.84
CA TYR A 577 18.33 -23.77 -15.15
C TYR A 577 19.55 -23.69 -16.05
N LEU A 578 20.68 -24.22 -15.63
CA LEU A 578 21.91 -24.15 -16.41
C LEU A 578 22.01 -25.34 -17.36
N ASP A 579 22.63 -25.09 -18.51
CA ASP A 579 22.92 -26.18 -19.43
C ASP A 579 24.10 -27.00 -18.93
N VAL A 580 24.30 -28.17 -19.55
CA VAL A 580 25.30 -29.11 -19.06
C VAL A 580 26.71 -28.52 -19.15
N LEU A 581 26.95 -27.65 -20.14
CA LEU A 581 28.30 -27.08 -20.30
C LEU A 581 28.62 -26.14 -19.14
N THR A 582 27.75 -25.17 -18.87
CA THR A 582 28.01 -24.24 -17.78
C THR A 582 27.94 -24.93 -16.42
N GLU A 583 27.07 -25.94 -16.28
CA GLU A 583 26.99 -26.68 -15.02
C GLU A 583 28.32 -27.32 -14.69
N LYS A 584 28.94 -27.99 -15.65
CA LYS A 584 30.22 -28.65 -15.41
C LYS A 584 31.31 -27.63 -15.10
N GLU A 585 31.37 -26.55 -15.87
CA GLU A 585 32.41 -25.55 -15.66
C GLU A 585 32.27 -24.89 -14.30
N ILE A 586 31.04 -24.50 -13.94
CA ILE A 586 30.83 -23.82 -12.66
C ILE A 586 31.05 -24.77 -11.50
N PHE A 587 30.77 -26.06 -11.70
CA PHE A 587 30.96 -27.03 -10.63
C PHE A 587 32.44 -27.31 -10.38
N GLU A 588 33.23 -27.42 -11.44
CA GLU A 588 34.64 -27.75 -11.31
C GLU A 588 35.54 -26.53 -11.15
N SER A 589 35.00 -25.32 -11.21
CA SER A 589 35.80 -24.12 -11.02
C SER A 589 35.39 -23.29 -9.81
N CYS A 590 34.17 -23.43 -9.32
CA CYS A 590 33.68 -22.63 -8.20
C CYS A 590 33.38 -23.44 -6.95
N VAL A 591 32.99 -24.70 -7.09
CA VAL A 591 32.63 -25.53 -5.96
C VAL A 591 33.77 -26.45 -5.54
N CYS A 592 34.42 -27.09 -6.51
CA CYS A 592 35.51 -28.02 -6.20
C CYS A 592 36.89 -27.38 -6.24
N LYS A 593 37.00 -26.14 -6.74
CA LYS A 593 38.29 -25.49 -6.92
C LYS A 593 38.46 -24.27 -6.01
N LEU A 594 37.44 -23.43 -5.90
CA LEU A 594 37.56 -22.20 -5.13
C LEU A 594 37.44 -22.43 -3.62
N MET A 595 36.62 -23.39 -3.20
CA MET A 595 36.30 -23.58 -1.80
C MET A 595 36.52 -25.03 -1.37
N ALA A 596 37.67 -25.59 -1.77
CA ALA A 596 37.93 -27.00 -1.50
C ALA A 596 38.04 -27.32 -0.02
N ASN A 597 38.36 -26.34 0.82
CA ASN A 597 38.61 -26.60 2.24
C ASN A 597 37.48 -26.09 3.14
N LYS A 598 36.29 -25.90 2.59
CA LYS A 598 35.13 -25.43 3.35
C LYS A 598 34.03 -26.47 3.24
N THR A 599 33.44 -26.83 4.38
CA THR A 599 32.31 -27.76 4.37
C THR A 599 31.17 -27.18 3.55
N ARG A 600 30.58 -28.01 2.67
CA ARG A 600 29.57 -27.52 1.75
C ARG A 600 28.58 -28.64 1.45
N ILE A 601 27.35 -28.49 1.92
CA ILE A 601 26.28 -29.44 1.59
C ILE A 601 25.67 -29.02 0.27
N LEU A 602 25.65 -29.95 -0.69
CA LEU A 602 25.21 -29.66 -2.05
C LEU A 602 24.07 -30.59 -2.43
N VAL A 603 22.99 -30.02 -2.95
CA VAL A 603 21.83 -30.77 -3.39
C VAL A 603 21.91 -30.92 -4.90
N THR A 604 22.08 -32.17 -5.37
CA THR A 604 22.22 -32.43 -6.79
C THR A 604 21.59 -33.78 -7.12
N SER A 605 21.19 -33.92 -8.39
CA SER A 605 20.65 -35.19 -8.88
C SER A 605 21.51 -35.81 -9.97
N LYS A 606 22.42 -35.06 -10.59
CA LYS A 606 23.28 -35.60 -11.62
C LYS A 606 24.26 -36.59 -11.01
N MET A 607 24.48 -37.72 -11.70
CA MET A 607 25.33 -38.77 -11.16
C MET A 607 26.79 -38.33 -11.04
N GLU A 608 27.25 -37.45 -11.93
CA GLU A 608 28.65 -37.04 -11.91
C GLU A 608 29.00 -36.28 -10.63
N HIS A 609 28.02 -35.62 -10.02
CA HIS A 609 28.29 -34.89 -8.79
C HIS A 609 28.47 -35.81 -7.60
N LEU A 610 27.82 -36.98 -7.61
CA LEU A 610 28.01 -37.95 -6.54
C LEU A 610 29.35 -38.66 -6.62
N LYS A 611 29.98 -38.68 -7.79
CA LYS A 611 31.30 -39.29 -7.92
C LYS A 611 32.33 -38.55 -7.08
N LYS A 612 32.29 -37.22 -7.09
CA LYS A 612 33.28 -36.40 -6.42
C LYS A 612 32.87 -36.01 -5.01
N ALA A 613 31.89 -36.70 -4.43
CA ALA A 613 31.41 -36.40 -3.08
C ALA A 613 32.01 -37.37 -2.07
N ASP A 614 32.45 -36.84 -0.94
CA ASP A 614 33.00 -37.68 0.12
C ASP A 614 31.91 -38.38 0.92
N LYS A 615 30.75 -37.75 1.07
CA LYS A 615 29.60 -38.37 1.71
C LYS A 615 28.39 -38.19 0.82
N ILE A 616 27.52 -39.20 0.79
CA ILE A 616 26.32 -39.17 -0.04
C ILE A 616 25.14 -39.57 0.83
N LEU A 617 24.12 -38.72 0.89
CA LEU A 617 22.91 -38.98 1.67
C LEU A 617 21.72 -39.01 0.73
N ILE A 618 21.15 -40.20 0.53
CA ILE A 618 19.98 -40.37 -0.30
C ILE A 618 18.74 -40.41 0.59
N LEU A 619 17.77 -39.54 0.28
CA LEU A 619 16.55 -39.42 1.05
C LEU A 619 15.37 -39.87 0.20
N HIS A 620 14.37 -40.46 0.86
CA HIS A 620 13.18 -40.94 0.18
C HIS A 620 12.01 -40.92 1.16
N GLU A 621 11.05 -40.03 0.91
CA GLU A 621 9.86 -39.90 1.74
C GLU A 621 10.23 -39.63 3.20
N GLY A 622 11.26 -38.81 3.40
CA GLY A 622 11.70 -38.44 4.73
C GLY A 622 12.59 -39.43 5.43
N SER A 623 12.77 -40.62 4.88
CA SER A 623 13.63 -41.63 5.48
C SER A 623 15.02 -41.60 4.84
N SER A 624 16.03 -41.90 5.64
CA SER A 624 17.40 -41.99 5.13
C SER A 624 17.58 -43.30 4.39
N TYR A 625 17.50 -43.25 3.06
CA TYR A 625 17.64 -44.47 2.26
C TYR A 625 19.05 -45.04 2.35
N PHE A 626 20.06 -44.18 2.22
CA PHE A 626 21.44 -44.64 2.22
C PHE A 626 22.35 -43.49 2.66
N TYR A 627 23.38 -43.83 3.44
CA TYR A 627 24.39 -42.87 3.85
C TYR A 627 25.76 -43.54 3.79
N GLY A 628 26.70 -42.89 3.11
CA GLY A 628 28.05 -43.42 3.04
C GLY A 628 28.77 -42.91 1.81
N THR A 629 29.99 -43.38 1.65
CA THR A 629 30.82 -43.03 0.52
C THR A 629 30.32 -43.74 -0.75
N PHE A 630 30.59 -43.11 -1.90
CA PHE A 630 30.10 -43.66 -3.17
C PHE A 630 30.67 -45.03 -3.46
N SER A 631 31.88 -45.31 -2.96
CA SER A 631 32.51 -46.61 -3.22
C SER A 631 31.67 -47.75 -2.66
N GLU A 632 31.24 -47.62 -1.42
CA GLU A 632 30.40 -48.65 -0.81
C GLU A 632 28.97 -48.59 -1.31
N LEU A 633 28.54 -47.45 -1.87
CA LEU A 633 27.25 -47.42 -2.56
C LEU A 633 27.28 -48.33 -3.78
N GLN A 634 28.36 -48.26 -4.56
CA GLN A 634 28.50 -49.14 -5.71
C GLN A 634 28.77 -50.58 -5.28
N ASN A 635 29.43 -50.77 -4.14
CA ASN A 635 29.71 -52.11 -3.65
C ASN A 635 28.42 -52.86 -3.33
N LEU A 636 27.39 -52.16 -2.90
CA LEU A 636 26.10 -52.77 -2.58
C LEU A 636 25.14 -52.69 -3.76
N TRP A 846 -9.69 21.50 -12.06
CA TRP A 846 -8.97 21.48 -13.33
C TRP A 846 -9.11 20.13 -14.02
N ASN A 847 -10.27 19.88 -14.62
CA ASN A 847 -10.49 18.73 -15.49
C ASN A 847 -10.45 17.43 -14.70
N THR A 848 -10.19 17.51 -13.40
CA THR A 848 -10.30 16.34 -12.52
C THR A 848 -11.64 16.32 -11.80
N TYR A 849 -12.11 17.48 -11.32
CA TYR A 849 -13.46 17.57 -10.79
C TYR A 849 -14.47 17.26 -11.88
N LEU A 850 -14.25 17.79 -13.09
CA LEU A 850 -15.18 17.56 -14.18
C LEU A 850 -15.26 16.08 -14.55
N ARG A 851 -14.11 15.44 -14.70
CA ARG A 851 -14.11 14.03 -15.10
C ARG A 851 -14.52 13.11 -13.96
N TYR A 852 -14.32 13.51 -12.71
CA TYR A 852 -14.82 12.72 -11.59
C TYR A 852 -16.34 12.74 -11.52
N ILE A 853 -16.95 13.85 -11.94
CA ILE A 853 -18.41 13.94 -11.93
C ILE A 853 -19.01 13.30 -13.18
N THR A 854 -18.33 13.40 -14.32
CA THR A 854 -18.86 12.86 -15.56
C THR A 854 -18.72 11.34 -15.65
N VAL A 855 -17.88 10.73 -14.82
CA VAL A 855 -17.65 9.29 -14.91
C VAL A 855 -18.93 8.50 -14.62
N HIS A 856 -19.88 9.10 -13.91
CA HIS A 856 -21.14 8.45 -13.60
C HIS A 856 -22.29 9.34 -14.06
N LYS A 857 -23.31 8.73 -14.65
CA LYS A 857 -24.44 9.49 -15.15
C LYS A 857 -25.44 9.85 -14.06
N SER A 858 -25.45 9.13 -12.94
CA SER A 858 -26.39 9.41 -11.88
C SER A 858 -25.93 10.52 -10.96
N LEU A 859 -24.62 10.75 -10.86
CA LEU A 859 -24.11 11.75 -9.94
C LEU A 859 -24.58 13.15 -10.31
N ILE A 860 -24.59 13.46 -11.61
CA ILE A 860 -25.05 14.77 -12.04
C ILE A 860 -26.54 14.96 -11.76
N PHE A 861 -27.32 13.88 -11.84
CA PHE A 861 -28.75 14.00 -11.56
C PHE A 861 -29.01 14.23 -10.07
N VAL A 862 -28.22 13.61 -9.20
CA VAL A 862 -28.38 13.84 -7.77
C VAL A 862 -27.98 15.27 -7.42
N LEU A 863 -26.90 15.76 -8.03
CA LEU A 863 -26.47 17.13 -7.77
C LEU A 863 -27.52 18.14 -8.22
N ILE A 864 -28.13 17.91 -9.38
CA ILE A 864 -29.22 18.77 -9.83
C ILE A 864 -30.39 18.67 -8.86
N TRP A 865 -30.66 17.47 -8.35
CA TRP A 865 -31.72 17.30 -7.36
C TRP A 865 -31.43 18.11 -6.10
N CYS A 866 -30.18 18.07 -5.63
CA CYS A 866 -29.81 18.83 -4.45
C CYS A 866 -29.87 20.33 -4.71
N LEU A 867 -29.69 20.75 -5.96
CA LEU A 867 -29.78 22.18 -6.29
C LEU A 867 -31.22 22.63 -6.42
N VAL A 868 -32.08 21.80 -7.02
CA VAL A 868 -33.47 22.18 -7.23
C VAL A 868 -34.18 22.37 -5.89
N ILE A 869 -33.96 21.46 -4.94
CA ILE A 869 -34.56 21.61 -3.62
C ILE A 869 -33.99 22.83 -2.91
N PHE A 870 -32.70 23.11 -3.11
CA PHE A 870 -32.08 24.26 -2.47
C PHE A 870 -32.75 25.56 -2.93
N LEU A 871 -33.05 25.67 -4.22
CA LEU A 871 -33.72 26.87 -4.71
C LEU A 871 -35.10 27.03 -4.09
N ALA A 872 -35.81 25.92 -3.90
CA ALA A 872 -37.13 26.01 -3.29
C ALA A 872 -37.06 26.51 -1.86
N GLU A 873 -36.07 26.04 -1.10
CA GLU A 873 -35.93 26.49 0.29
C GLU A 873 -35.48 27.95 0.36
N VAL A 874 -34.60 28.37 -0.55
CA VAL A 874 -34.21 29.77 -0.60
C VAL A 874 -35.40 30.65 -0.95
N ALA A 875 -36.20 30.24 -1.92
CA ALA A 875 -37.38 31.02 -2.30
C ALA A 875 -38.37 31.10 -1.14
N ALA A 876 -38.58 29.99 -0.43
CA ALA A 876 -39.48 30.01 0.71
C ALA A 876 -38.96 30.91 1.82
N SER A 877 -37.66 30.85 2.10
CA SER A 877 -37.08 31.70 3.15
C SER A 877 -37.17 33.18 2.77
N LEU A 878 -36.94 33.49 1.49
CA LEU A 878 -36.96 34.87 1.05
C LEU A 878 -38.33 35.50 1.24
N VAL A 879 -39.39 34.80 0.80
CA VAL A 879 -40.73 35.36 0.90
C VAL A 879 -41.19 35.44 2.36
N VAL A 880 -40.70 34.53 3.21
CA VAL A 880 -41.06 34.59 4.62
C VAL A 880 -40.51 35.85 5.27
N LEU A 881 -39.24 36.17 5.01
CA LEU A 881 -38.66 37.38 5.56
C LEU A 881 -39.37 38.63 5.02
N TRP A 882 -39.69 38.63 3.72
CA TRP A 882 -40.34 39.79 3.13
C TRP A 882 -41.73 40.02 3.71
N LEU A 883 -42.45 38.94 4.01
CA LEU A 883 -43.81 39.06 4.51
C LEU A 883 -43.87 39.34 6.01
N LEU A 884 -42.74 39.26 6.71
CA LEU A 884 -42.70 39.66 8.11
C LEU A 884 -42.43 41.14 8.30
N GLY A 885 -41.63 41.74 7.40
CA GLY A 885 -41.39 43.16 7.48
C GLY A 885 -42.56 44.00 7.02
N ASN A 886 -43.36 43.48 6.09
CA ASN A 886 -44.53 44.21 5.61
C ASN A 886 -45.70 44.14 6.58
N THR A 887 -45.65 43.25 7.56
CA THR A 887 -46.72 43.10 8.54
C THR A 887 -46.50 44.04 9.71
N PRO A 888 -47.46 44.11 10.63
CA PRO A 888 -47.36 44.95 11.83
C PRO A 888 -46.50 44.33 12.92
N SER A 902 -49.03 42.58 25.38
CA SER A 902 -49.61 42.28 24.07
C SER A 902 -49.06 40.96 23.52
N TYR A 903 -48.42 41.03 22.36
CA TYR A 903 -47.86 39.85 21.73
C TYR A 903 -46.74 39.26 22.60
N ALA A 904 -46.50 37.97 22.44
CA ALA A 904 -45.49 37.28 23.23
C ALA A 904 -44.10 37.88 22.99
N VAL A 905 -43.70 37.96 21.73
CA VAL A 905 -42.37 38.46 21.37
C VAL A 905 -42.44 39.97 21.26
N ILE A 906 -41.59 40.66 22.03
CA ILE A 906 -41.59 42.12 22.10
C ILE A 906 -40.51 42.65 21.18
N ILE A 907 -40.90 43.44 20.18
CA ILE A 907 -39.96 44.11 19.29
C ILE A 907 -40.37 45.58 19.20
N THR A 908 -39.38 46.45 19.04
CA THR A 908 -39.62 47.86 18.76
C THR A 908 -39.27 48.18 17.31
N SER A 909 -39.70 49.35 16.86
CA SER A 909 -39.47 49.74 15.47
C SER A 909 -37.98 49.81 15.15
N THR A 910 -37.20 50.42 16.04
CA THR A 910 -35.76 50.60 15.78
C THR A 910 -34.95 49.34 16.04
N SER A 911 -35.46 48.41 16.83
CA SER A 911 -34.76 47.18 17.14
C SER A 911 -35.09 46.04 16.19
N SER A 912 -35.82 46.33 15.11
CA SER A 912 -36.27 45.30 14.20
C SER A 912 -35.13 44.67 13.39
N TYR A 913 -33.95 45.29 13.36
CA TYR A 913 -32.86 44.77 12.55
C TYR A 913 -32.35 43.43 13.07
N TYR A 914 -32.66 43.08 14.32
CA TYR A 914 -32.22 41.79 14.85
C TYR A 914 -32.79 40.61 14.09
N VAL A 915 -33.86 40.81 13.32
CA VAL A 915 -34.47 39.71 12.58
C VAL A 915 -33.47 39.09 11.62
N PHE A 916 -32.65 39.93 10.97
CA PHE A 916 -31.66 39.41 10.03
C PHE A 916 -30.52 38.72 10.76
N TYR A 917 -30.08 39.28 11.89
CA TYR A 917 -29.05 38.60 12.67
C TYR A 917 -29.53 37.26 13.19
N ILE A 918 -30.80 37.19 13.59
CA ILE A 918 -31.37 35.93 14.05
C ILE A 918 -31.38 34.91 12.92
N TYR A 919 -31.74 35.35 11.71
CA TYR A 919 -31.82 34.44 10.58
C TYR A 919 -30.49 33.78 10.28
N VAL A 920 -29.41 34.56 10.31
CA VAL A 920 -28.08 34.03 9.98
C VAL A 920 -27.70 32.90 10.92
N GLY A 921 -28.12 32.98 12.19
CA GLY A 921 -27.79 31.93 13.13
C GLY A 921 -28.62 30.67 13.01
N VAL A 922 -29.70 30.71 12.23
CA VAL A 922 -30.54 29.55 11.99
C VAL A 922 -30.58 29.15 10.53
N ALA A 923 -29.85 29.85 9.65
CA ALA A 923 -29.84 29.50 8.24
C ALA A 923 -29.25 28.11 7.99
N ASP A 924 -28.41 27.62 8.90
CA ASP A 924 -27.81 26.30 8.71
C ASP A 924 -28.86 25.20 8.71
N THR A 925 -29.91 25.34 9.53
CA THR A 925 -30.97 24.35 9.59
C THR A 925 -31.98 24.49 8.46
N LEU A 926 -32.29 25.73 8.05
CA LEU A 926 -33.24 25.91 6.96
C LEU A 926 -32.68 25.46 5.63
N LEU A 927 -31.36 25.45 5.49
CA LEU A 927 -30.69 25.00 4.28
C LEU A 927 -30.04 23.65 4.42
N ALA A 928 -30.22 22.97 5.56
CA ALA A 928 -29.59 21.68 5.80
C ALA A 928 -30.15 20.62 4.87
N MET A 929 -29.28 19.78 4.35
CA MET A 929 -29.69 18.66 3.49
C MET A 929 -30.22 17.52 4.34
N GLY A 930 -31.49 17.18 4.17
CA GLY A 930 -32.08 16.07 4.88
C GLY A 930 -31.70 14.73 4.27
N PHE A 931 -32.30 13.67 4.82
CA PHE A 931 -31.99 12.33 4.32
C PHE A 931 -32.53 12.09 2.92
N PHE A 932 -33.36 12.98 2.39
CA PHE A 932 -33.77 12.90 0.99
C PHE A 932 -32.74 13.48 0.04
N ARG A 933 -31.68 14.11 0.55
CA ARG A 933 -30.65 14.67 -0.31
C ARG A 933 -29.27 14.16 0.10
N GLY A 934 -29.09 13.87 1.38
CA GLY A 934 -27.79 13.42 1.85
C GLY A 934 -27.49 11.99 1.47
N LEU A 935 -28.41 11.08 1.80
CA LEU A 935 -28.20 9.68 1.47
C LEU A 935 -28.03 9.43 -0.03
N PRO A 936 -28.83 10.01 -0.93
CA PRO A 936 -28.54 9.82 -2.36
C PRO A 936 -27.14 10.27 -2.76
N LEU A 937 -26.66 11.39 -2.20
CA LEU A 937 -25.34 11.87 -2.54
C LEU A 937 -24.25 10.93 -2.04
N VAL A 938 -24.35 10.52 -0.77
CA VAL A 938 -23.35 9.60 -0.22
C VAL A 938 -23.43 8.26 -0.92
N HIS A 939 -24.62 7.81 -1.28
CA HIS A 939 -24.76 6.54 -1.99
C HIS A 939 -24.12 6.60 -3.37
N THR A 940 -24.32 7.70 -4.10
CA THR A 940 -23.82 7.79 -5.46
C THR A 940 -22.31 8.05 -5.50
N LEU A 941 -21.76 8.73 -4.48
CA LEU A 941 -20.33 8.95 -4.45
C LEU A 941 -19.54 7.65 -4.25
N ILE A 942 -20.18 6.62 -3.71
CA ILE A 942 -19.47 5.36 -3.49
C ILE A 942 -19.43 4.51 -4.75
N THR A 943 -20.53 4.47 -5.52
CA THR A 943 -20.51 3.68 -6.73
C THR A 943 -19.55 4.23 -7.78
N VAL A 944 -19.17 5.51 -7.66
CA VAL A 944 -18.12 6.05 -8.52
C VAL A 944 -16.79 5.34 -8.23
N SER A 945 -16.52 5.08 -6.95
CA SER A 945 -15.29 4.37 -6.59
C SER A 945 -15.28 2.95 -7.15
N LYS A 946 -16.44 2.30 -7.22
CA LYS A 946 -16.51 0.97 -7.81
C LYS A 946 -16.14 1.00 -9.28
N ILE A 947 -16.68 1.98 -10.02
CA ILE A 947 -16.38 2.07 -11.45
C ILE A 947 -14.93 2.44 -11.68
N LEU A 948 -14.41 3.39 -10.89
CA LEU A 948 -13.01 3.78 -11.04
C LEU A 948 -12.08 2.60 -10.77
N HIS A 949 -12.34 1.84 -9.71
CA HIS A 949 -11.51 0.67 -9.43
C HIS A 949 -11.62 -0.36 -10.54
N HIS A 950 -12.83 -0.61 -11.04
CA HIS A 950 -12.99 -1.60 -12.11
C HIS A 950 -12.27 -1.18 -13.37
N LYS A 951 -12.40 0.11 -13.74
CA LYS A 951 -11.70 0.59 -14.92
C LYS A 951 -10.19 0.55 -14.73
N MET A 952 -9.71 0.96 -13.56
CA MET A 952 -8.27 1.02 -13.32
C MET A 952 -7.63 -0.35 -13.39
N LEU A 953 -8.25 -1.34 -12.75
CA LEU A 953 -7.71 -2.69 -12.79
C LEU A 953 -7.79 -3.27 -14.19
N HIS A 954 -8.87 -3.01 -14.92
CA HIS A 954 -9.00 -3.50 -16.27
C HIS A 954 -7.93 -2.90 -17.19
N SER A 955 -7.66 -1.60 -17.03
CA SER A 955 -6.67 -0.96 -17.89
C SER A 955 -5.26 -1.44 -17.57
N VAL A 956 -4.96 -1.67 -16.30
CA VAL A 956 -3.62 -2.13 -15.91
C VAL A 956 -3.35 -3.53 -16.46
N LEU A 957 -4.35 -4.41 -16.38
CA LEU A 957 -4.15 -5.79 -16.82
C LEU A 957 -3.89 -5.91 -18.32
N GLN A 958 -4.25 -4.91 -19.11
CA GLN A 958 -4.07 -4.96 -20.56
C GLN A 958 -2.96 -4.03 -21.04
N ALA A 959 -2.15 -3.48 -20.14
CA ALA A 959 -1.07 -2.61 -20.55
C ALA A 959 0.06 -3.39 -21.23
N PRO A 960 0.80 -2.76 -22.12
CA PRO A 960 1.99 -3.41 -22.70
C PRO A 960 3.02 -3.70 -21.62
N MET A 961 3.75 -4.80 -21.81
CA MET A 961 4.70 -5.25 -20.79
C MET A 961 5.80 -4.21 -20.54
N SER A 962 6.20 -3.46 -21.57
CA SER A 962 7.27 -2.48 -21.39
C SER A 962 6.86 -1.38 -20.41
N THR A 963 5.58 -0.98 -20.47
CA THR A 963 5.09 0.01 -19.51
C THR A 963 4.98 -0.59 -18.11
N LEU A 964 4.71 -1.89 -18.02
CA LEU A 964 4.58 -2.54 -16.72
C LEU A 964 5.93 -2.75 -16.05
N ASN A 965 7.00 -2.89 -16.83
CA ASN A 965 8.32 -3.11 -16.24
C ASN A 965 8.90 -1.84 -15.62
N THR A 966 8.41 -0.67 -16.01
CA THR A 966 8.94 0.57 -15.45
C THR A 966 8.42 0.83 -14.04
N LEU A 967 7.15 0.51 -13.78
CA LEU A 967 6.55 0.79 -12.49
C LEU A 967 7.00 -0.24 -11.45
N LYS A 968 7.16 0.22 -10.21
CA LYS A 968 7.58 -0.63 -9.12
C LYS A 968 6.38 -1.34 -8.49
N ALA A 969 6.67 -2.42 -7.76
CA ALA A 969 5.61 -3.18 -7.11
C ALA A 969 4.92 -2.36 -6.03
N GLY A 970 5.69 -1.56 -5.29
CA GLY A 970 5.10 -0.77 -4.22
C GLY A 970 4.29 0.41 -4.69
N GLY A 971 4.56 0.92 -5.89
CA GLY A 971 3.73 1.96 -6.45
C GLY A 971 2.35 1.42 -6.79
N ILE A 972 2.31 0.19 -7.31
CA ILE A 972 1.03 -0.46 -7.58
C ILE A 972 0.30 -0.74 -6.27
N LEU A 973 1.01 -1.30 -5.29
CA LEU A 973 0.38 -1.65 -4.02
C LEU A 973 -0.14 -0.40 -3.30
N ASN A 974 0.57 0.73 -3.45
CA ASN A 974 0.11 1.97 -2.84
C ASN A 974 -1.22 2.42 -3.45
N ARG A 975 -1.30 2.42 -4.78
CA ARG A 975 -2.49 2.92 -5.46
C ARG A 975 -3.69 2.00 -5.31
N PHE A 976 -3.48 0.74 -4.94
CA PHE A 976 -4.60 -0.15 -4.71
C PHE A 976 -5.07 -0.16 -3.27
N SER A 977 -4.16 -0.06 -2.30
CA SER A 977 -4.56 -0.04 -0.90
C SER A 977 -4.95 1.33 -0.40
N LYS A 978 -3.99 2.27 -0.39
CA LYS A 978 -4.24 3.58 0.20
C LYS A 978 -5.22 4.40 -0.64
N ASP A 979 -4.96 4.47 -1.94
CA ASP A 979 -5.74 5.37 -2.79
C ASP A 979 -7.21 4.97 -2.83
N ILE A 980 -7.49 3.69 -3.05
CA ILE A 980 -8.88 3.24 -3.11
C ILE A 980 -9.55 3.37 -1.75
N ALA A 981 -8.80 3.19 -0.66
CA ALA A 981 -9.38 3.38 0.66
C ALA A 981 -9.84 4.82 0.85
N ILE A 982 -9.08 5.78 0.32
CA ILE A 982 -9.47 7.18 0.39
C ILE A 982 -10.77 7.42 -0.37
N LEU A 983 -10.89 6.84 -1.57
CA LEU A 983 -12.09 7.04 -2.38
C LEU A 983 -13.33 6.46 -1.74
N ASP A 984 -13.19 5.55 -0.77
CA ASP A 984 -14.32 4.96 -0.08
C ASP A 984 -14.62 5.59 1.27
N ASP A 985 -13.58 5.96 2.03
CA ASP A 985 -13.75 6.39 3.41
C ASP A 985 -13.80 7.90 3.58
N LEU A 986 -12.88 8.63 2.95
CA LEU A 986 -12.74 10.05 3.23
C LEU A 986 -13.35 10.95 2.17
N LEU A 987 -13.30 10.57 0.91
CA LEU A 987 -13.80 11.44 -0.15
C LEU A 987 -15.31 11.69 -0.08
N PRO A 988 -16.15 10.67 0.10
CA PRO A 988 -17.60 10.93 0.04
C PRO A 988 -18.10 11.91 1.09
N LEU A 989 -17.77 11.68 2.36
CA LEU A 989 -18.33 12.52 3.41
C LEU A 989 -17.69 13.91 3.43
N THR A 990 -16.41 14.03 3.07
CA THR A 990 -15.79 15.35 3.03
C THR A 990 -16.37 16.19 1.90
N ILE A 991 -16.71 15.57 0.78
CA ILE A 991 -17.40 16.30 -0.29
C ILE A 991 -18.78 16.74 0.19
N PHE A 992 -19.48 15.87 0.93
CA PHE A 992 -20.79 16.24 1.45
C PHE A 992 -20.71 17.45 2.37
N ASP A 993 -19.72 17.47 3.26
CA ASP A 993 -19.56 18.62 4.16
C ASP A 993 -19.23 19.88 3.39
N PHE A 994 -18.36 19.77 2.38
CA PHE A 994 -18.00 20.93 1.57
C PHE A 994 -19.21 21.47 0.82
N ILE A 995 -19.99 20.59 0.21
CA ILE A 995 -21.20 21.03 -0.49
C ILE A 995 -22.20 21.65 0.47
N GLN A 996 -22.38 21.04 1.64
CA GLN A 996 -23.34 21.56 2.60
C GLN A 996 -22.96 22.96 3.05
N LEU A 997 -21.68 23.16 3.41
CA LEU A 997 -21.24 24.49 3.82
C LEU A 997 -21.34 25.49 2.67
N LEU A 998 -21.05 25.04 1.46
CA LEU A 998 -21.15 25.94 0.30
C LEU A 998 -22.58 26.38 0.08
N LEU A 999 -23.54 25.46 0.23
CA LEU A 999 -24.94 25.84 0.10
C LEU A 999 -25.35 26.83 1.18
N ILE A 1000 -24.92 26.60 2.41
CA ILE A 1000 -25.30 27.47 3.52
C ILE A 1000 -24.80 28.89 3.29
N VAL A 1001 -23.54 29.03 2.88
CA VAL A 1001 -22.96 30.36 2.67
C VAL A 1001 -23.65 31.05 1.50
N ILE A 1002 -23.83 30.33 0.38
CA ILE A 1002 -24.42 30.95 -0.80
C ILE A 1002 -25.85 31.39 -0.53
N GLY A 1003 -26.63 30.55 0.14
CA GLY A 1003 -28.00 30.93 0.45
C GLY A 1003 -28.09 32.08 1.44
N ALA A 1004 -27.24 32.06 2.47
CA ALA A 1004 -27.27 33.12 3.46
C ALA A 1004 -26.87 34.45 2.85
N ILE A 1005 -25.94 34.45 1.89
CA ILE A 1005 -25.57 35.68 1.20
C ILE A 1005 -26.71 36.15 0.30
N ALA A 1006 -27.30 35.21 -0.46
CA ALA A 1006 -28.26 35.58 -1.48
C ALA A 1006 -29.49 36.25 -0.90
N VAL A 1007 -30.14 35.60 0.08
CA VAL A 1007 -31.40 36.12 0.59
C VAL A 1007 -31.18 37.41 1.36
N VAL A 1008 -30.05 37.55 2.05
CA VAL A 1008 -29.76 38.79 2.75
C VAL A 1008 -29.47 39.91 1.76
N ALA A 1009 -28.79 39.60 0.66
CA ALA A 1009 -28.48 40.61 -0.34
C ALA A 1009 -29.73 41.14 -1.02
N VAL A 1010 -30.72 40.27 -1.26
CA VAL A 1010 -31.96 40.71 -1.90
C VAL A 1010 -32.70 41.70 -1.01
N LEU A 1011 -32.66 41.49 0.31
CA LEU A 1011 -33.39 42.36 1.24
C LEU A 1011 -32.62 43.62 1.58
N GLN A 1012 -31.31 43.52 1.79
CA GLN A 1012 -30.46 44.66 2.14
C GLN A 1012 -29.28 44.70 1.18
N PRO A 1013 -29.39 45.43 0.07
CA PRO A 1013 -28.39 45.33 -0.99
C PRO A 1013 -27.12 46.13 -0.73
N TYR A 1014 -26.54 45.99 0.45
CA TYR A 1014 -25.20 46.51 0.70
C TYR A 1014 -24.32 45.54 1.47
N ILE A 1015 -24.89 44.50 2.08
CA ILE A 1015 -24.09 43.49 2.75
C ILE A 1015 -23.29 42.69 1.73
N PHE A 1016 -23.85 42.48 0.54
CA PHE A 1016 -23.08 41.82 -0.53
C PHE A 1016 -21.85 42.61 -0.89
N VAL A 1017 -21.98 43.93 -1.00
CA VAL A 1017 -20.82 44.77 -1.28
C VAL A 1017 -19.83 44.73 -0.12
N ALA A 1018 -20.33 44.68 1.11
CA ALA A 1018 -19.45 44.70 2.27
C ALA A 1018 -18.63 43.43 2.42
N THR A 1019 -19.08 42.31 1.85
CA THR A 1019 -18.37 41.05 1.98
C THR A 1019 -17.50 40.71 0.77
N VAL A 1020 -17.70 41.38 -0.36
CA VAL A 1020 -16.86 41.14 -1.54
C VAL A 1020 -15.37 41.31 -1.24
N PRO A 1021 -14.92 42.38 -0.58
CA PRO A 1021 -13.47 42.51 -0.35
C PRO A 1021 -12.89 41.42 0.52
N VAL A 1022 -13.71 40.68 1.26
CA VAL A 1022 -13.21 39.56 2.06
C VAL A 1022 -13.24 38.27 1.27
N ILE A 1023 -14.30 38.03 0.49
CA ILE A 1023 -14.39 36.82 -0.32
C ILE A 1023 -13.29 36.80 -1.37
N VAL A 1024 -13.06 37.94 -2.03
CA VAL A 1024 -12.01 38.03 -3.03
C VAL A 1024 -10.64 37.77 -2.41
N ALA A 1025 -10.43 38.30 -1.20
CA ALA A 1025 -9.16 38.04 -0.52
C ALA A 1025 -8.99 36.57 -0.18
N PHE A 1026 -10.08 35.89 0.21
CA PHE A 1026 -10.00 34.46 0.48
C PHE A 1026 -9.62 33.68 -0.77
N ILE A 1027 -10.30 33.95 -1.89
CA ILE A 1027 -10.05 33.21 -3.12
C ILE A 1027 -8.65 33.48 -3.64
N MET A 1028 -8.16 34.71 -3.50
CA MET A 1028 -6.83 35.03 -3.98
C MET A 1028 -5.75 34.31 -3.18
N LEU A 1029 -5.91 34.27 -1.86
CA LEU A 1029 -4.92 33.57 -1.02
C LEU A 1029 -4.98 32.07 -1.26
N ARG A 1030 -6.17 31.52 -1.43
CA ARG A 1030 -6.30 30.09 -1.70
C ARG A 1030 -5.62 29.70 -3.01
N ALA A 1031 -5.81 30.50 -4.05
CA ALA A 1031 -5.20 30.19 -5.34
C ALA A 1031 -3.69 30.29 -5.29
N TYR A 1032 -3.13 31.06 -4.35
CA TYR A 1032 -1.69 31.16 -4.22
C TYR A 1032 -1.12 29.96 -3.46
N PHE A 1033 -1.81 29.55 -2.39
CA PHE A 1033 -1.31 28.42 -1.59
C PHE A 1033 -1.39 27.11 -2.35
N LEU A 1034 -2.46 26.89 -3.11
CA LEU A 1034 -2.65 25.59 -3.75
C LEU A 1034 -1.60 25.31 -4.81
N GLN A 1035 -0.98 26.35 -5.39
CA GLN A 1035 0.06 26.12 -6.38
C GLN A 1035 1.23 25.35 -5.79
N THR A 1036 1.44 25.44 -4.48
CA THR A 1036 2.48 24.70 -3.79
C THR A 1036 1.95 23.47 -3.06
N SER A 1037 0.75 23.58 -2.48
CA SER A 1037 0.19 22.46 -1.72
C SER A 1037 -0.06 21.25 -2.61
N GLN A 1038 -0.52 21.48 -3.84
CA GLN A 1038 -0.76 20.37 -4.75
C GLN A 1038 0.53 19.61 -5.06
N GLN A 1039 1.63 20.35 -5.29
CA GLN A 1039 2.88 19.69 -5.58
C GLN A 1039 3.46 18.99 -4.35
N LEU A 1040 3.33 19.62 -3.18
CA LEU A 1040 3.79 18.99 -1.94
C LEU A 1040 3.01 17.71 -1.66
N LYS A 1041 1.69 17.74 -1.89
CA LYS A 1041 0.88 16.56 -1.64
C LYS A 1041 1.28 15.41 -2.56
N GLN A 1042 1.60 15.70 -3.82
CA GLN A 1042 2.02 14.64 -4.73
C GLN A 1042 3.37 14.07 -4.32
N LEU A 1043 4.31 14.92 -3.89
CA LEU A 1043 5.61 14.42 -3.47
C LEU A 1043 5.49 13.51 -2.26
N GLU A 1044 4.67 13.90 -1.28
CA GLU A 1044 4.44 13.04 -0.13
C GLU A 1044 3.72 11.77 -0.51
N SER A 1045 2.72 11.87 -1.40
CA SER A 1045 1.97 10.70 -1.82
C SER A 1045 2.86 9.66 -2.50
N GLU A 1046 3.75 10.13 -3.37
CA GLU A 1046 4.68 9.21 -4.03
C GLU A 1046 5.78 8.75 -3.08
N GLY A 1047 6.02 9.48 -2.00
CA GLY A 1047 7.01 9.08 -1.02
C GLY A 1047 6.66 7.86 -0.21
N ARG A 1048 5.44 7.34 -0.35
CA ARG A 1048 5.04 6.14 0.37
C ARG A 1048 5.50 4.86 -0.31
N SER A 1049 5.77 4.90 -1.61
CA SER A 1049 6.15 3.68 -2.32
C SER A 1049 7.45 3.05 -1.85
N PRO A 1050 8.51 3.78 -1.48
CA PRO A 1050 9.72 3.09 -0.98
C PRO A 1050 9.47 2.25 0.25
N ILE A 1051 8.53 2.66 1.11
CA ILE A 1051 8.21 1.87 2.30
C ILE A 1051 7.60 0.53 1.90
N PHE A 1052 6.68 0.55 0.94
CA PHE A 1052 5.99 -0.68 0.55
C PHE A 1052 6.89 -1.60 -0.27
N THR A 1053 7.76 -1.05 -1.12
CA THR A 1053 8.70 -1.89 -1.86
C THR A 1053 9.65 -2.60 -0.90
N HIS A 1054 10.16 -1.87 0.09
CA HIS A 1054 11.09 -2.47 1.03
C HIS A 1054 10.41 -3.54 1.87
N LEU A 1055 9.17 -3.30 2.29
CA LEU A 1055 8.47 -4.28 3.11
C LEU A 1055 8.19 -5.56 2.32
N VAL A 1056 7.79 -5.42 1.05
CA VAL A 1056 7.55 -6.60 0.22
C VAL A 1056 8.85 -7.35 -0.03
N THR A 1057 9.93 -6.62 -0.32
CA THR A 1057 11.22 -7.26 -0.56
C THR A 1057 11.71 -8.01 0.66
N SER A 1058 11.62 -7.39 1.84
CA SER A 1058 12.13 -8.02 3.05
C SER A 1058 11.32 -9.27 3.39
N LEU A 1059 9.99 -9.19 3.29
CA LEU A 1059 9.17 -10.34 3.65
C LEU A 1059 9.35 -11.49 2.67
N LYS A 1060 9.58 -11.18 1.38
CA LYS A 1060 9.78 -12.23 0.39
C LYS A 1060 11.10 -12.96 0.62
N GLY A 1061 12.15 -12.22 0.94
CA GLY A 1061 13.47 -12.77 1.14
C GLY A 1061 13.85 -13.05 2.58
N LEU A 1062 12.87 -13.18 3.48
CA LEU A 1062 13.16 -13.29 4.91
C LEU A 1062 14.06 -14.49 5.22
N TRP A 1063 13.98 -15.56 4.43
CA TRP A 1063 14.78 -16.74 4.73
C TRP A 1063 16.27 -16.50 4.49
N THR A 1064 16.62 -15.67 3.51
CA THR A 1064 18.01 -15.35 3.26
C THR A 1064 18.57 -14.37 4.28
N LEU A 1065 17.74 -13.46 4.79
CA LEU A 1065 18.23 -12.46 5.73
C LEU A 1065 18.75 -13.10 7.01
N ARG A 1066 18.00 -14.03 7.58
CA ARG A 1066 18.42 -14.65 8.83
C ARG A 1066 19.57 -15.63 8.62
N ALA A 1067 19.69 -16.21 7.43
CA ALA A 1067 20.84 -17.07 7.16
C ALA A 1067 22.14 -16.25 7.16
N PHE A 1068 22.13 -15.11 6.48
CA PHE A 1068 23.32 -14.27 6.42
C PHE A 1068 23.52 -13.47 7.70
N GLY A 1069 22.44 -13.10 8.39
CA GLY A 1069 22.56 -12.24 9.55
C GLY A 1069 22.73 -10.78 9.20
N ARG A 1070 22.05 -10.30 8.15
CA ARG A 1070 22.17 -8.93 7.68
C ARG A 1070 21.00 -8.06 8.10
N GLN A 1071 20.37 -8.37 9.25
CA GLN A 1071 19.24 -7.56 9.71
C GLN A 1071 19.60 -6.10 9.90
N PRO A 1072 20.70 -5.73 10.57
CA PRO A 1072 20.98 -4.29 10.76
C PRO A 1072 21.13 -3.53 9.47
N TYR A 1073 21.65 -4.16 8.42
CA TYR A 1073 21.80 -3.48 7.14
C TYR A 1073 20.45 -3.10 6.56
N PHE A 1074 19.46 -3.98 6.66
CA PHE A 1074 18.13 -3.64 6.16
C PHE A 1074 17.34 -2.79 7.14
N GLU A 1075 17.71 -2.77 8.42
CA GLU A 1075 17.05 -1.87 9.36
C GLU A 1075 17.40 -0.42 9.06
N THR A 1076 18.68 -0.11 8.87
CA THR A 1076 19.07 1.24 8.51
C THR A 1076 18.59 1.61 7.13
N LEU A 1077 18.50 0.64 6.21
CA LEU A 1077 17.97 0.93 4.89
C LEU A 1077 16.49 1.26 4.96
N PHE A 1078 15.75 0.61 5.86
CA PHE A 1078 14.35 0.95 6.04
C PHE A 1078 14.20 2.33 6.67
N HIS A 1079 15.10 2.70 7.58
CA HIS A 1079 15.03 4.01 8.21
C HIS A 1079 15.27 5.13 7.21
N LYS A 1080 16.04 4.86 6.15
CA LYS A 1080 16.19 5.85 5.09
C LYS A 1080 14.87 6.11 4.39
N ALA A 1081 14.09 5.06 4.16
CA ALA A 1081 12.79 5.24 3.53
C ALA A 1081 11.84 6.04 4.41
N LEU A 1082 11.87 5.78 5.73
CA LEU A 1082 11.01 6.53 6.65
C LEU A 1082 11.40 8.01 6.67
N ASN A 1083 12.69 8.30 6.75
CA ASN A 1083 13.12 9.69 6.76
C ASN A 1083 12.80 10.38 5.45
N LEU A 1084 12.89 9.67 4.33
CA LEU A 1084 12.53 10.26 3.05
C LEU A 1084 11.05 10.65 3.02
N HIS A 1085 10.18 9.76 3.51
CA HIS A 1085 8.77 10.09 3.58
C HIS A 1085 8.49 11.20 4.57
N THR A 1086 9.21 11.19 5.71
CA THR A 1086 8.97 12.19 6.74
C THR A 1086 9.24 13.60 6.23
N ALA A 1087 10.29 13.77 5.42
CA ALA A 1087 10.67 15.10 4.96
C ALA A 1087 9.54 15.77 4.19
N ASN A 1088 8.94 15.04 3.24
CA ASN A 1088 7.87 15.64 2.45
C ASN A 1088 6.61 15.85 3.29
N TRP A 1089 6.25 14.86 4.13
CA TRP A 1089 5.02 14.98 4.91
C TRP A 1089 5.13 16.11 5.92
N PHE A 1090 6.26 16.22 6.61
CA PHE A 1090 6.44 17.30 7.56
C PHE A 1090 6.41 18.66 6.87
N LEU A 1091 7.04 18.76 5.70
CA LEU A 1091 7.05 20.03 4.96
C LEU A 1091 5.65 20.41 4.52
N TYR A 1092 4.89 19.45 3.98
CA TYR A 1092 3.52 19.72 3.58
C TYR A 1092 2.65 20.10 4.76
N LEU A 1093 2.80 19.38 5.87
CA LEU A 1093 1.98 19.65 7.04
C LEU A 1093 2.26 21.03 7.63
N SER A 1094 3.47 21.54 7.44
CA SER A 1094 3.79 22.87 7.96
C SER A 1094 3.26 23.97 7.07
N THR A 1095 3.35 23.80 5.75
CA THR A 1095 2.82 24.81 4.84
C THR A 1095 1.31 24.91 4.94
N LEU A 1096 0.62 23.79 5.17
CA LEU A 1096 -0.82 23.84 5.40
C LEU A 1096 -1.13 24.63 6.66
N ARG A 1097 -0.34 24.44 7.71
CA ARG A 1097 -0.56 25.19 8.94
C ARG A 1097 -0.35 26.69 8.72
N TRP A 1098 0.62 27.05 7.87
CA TRP A 1098 0.81 28.45 7.54
C TRP A 1098 -0.42 29.05 6.87
N PHE A 1099 -1.02 28.29 5.95
CA PHE A 1099 -2.24 28.78 5.30
C PHE A 1099 -3.38 28.93 6.30
N GLN A 1100 -3.53 27.96 7.21
CA GLN A 1100 -4.59 28.03 8.20
C GLN A 1100 -4.45 29.26 9.08
N MET A 1101 -3.22 29.62 9.43
CA MET A 1101 -3.01 30.80 10.25
C MET A 1101 -3.30 32.08 9.48
N ARG A 1102 -2.87 32.14 8.21
CA ARG A 1102 -3.11 33.34 7.42
C ARG A 1102 -4.58 33.49 7.06
N ILE A 1103 -5.28 32.39 6.81
CA ILE A 1103 -6.69 32.49 6.45
C ILE A 1103 -7.53 32.95 7.63
N GLU A 1104 -7.06 32.72 8.85
CA GLU A 1104 -7.72 33.25 10.03
C GLU A 1104 -7.25 34.67 10.34
N MET A 1105 -5.97 34.95 10.12
CA MET A 1105 -5.44 36.28 10.41
C MET A 1105 -6.10 37.32 9.53
N ILE A 1106 -6.34 37.01 8.26
CA ILE A 1106 -6.96 37.97 7.37
C ILE A 1106 -8.40 38.26 7.78
N PHE A 1107 -9.11 37.24 8.27
CA PHE A 1107 -10.44 37.45 8.82
C PHE A 1107 -10.37 38.34 10.07
N VAL A 1108 -9.38 38.08 10.93
CA VAL A 1108 -9.23 38.88 12.15
C VAL A 1108 -8.94 40.32 11.81
N ILE A 1109 -8.06 40.56 10.83
CA ILE A 1109 -7.72 41.93 10.43
C ILE A 1109 -8.96 42.66 9.94
N PHE A 1110 -9.75 42.01 9.08
CA PHE A 1110 -10.95 42.65 8.56
C PHE A 1110 -11.96 42.91 9.67
N PHE A 1111 -12.12 41.97 10.59
CA PHE A 1111 -13.11 42.14 11.66
C PHE A 1111 -12.73 43.27 12.60
N ILE A 1112 -11.45 43.37 12.95
CA ILE A 1112 -10.98 44.46 13.80
C ILE A 1112 -11.21 45.80 13.09
N ALA A 1113 -10.97 45.84 11.78
CA ALA A 1113 -11.23 47.06 11.03
C ALA A 1113 -12.71 47.41 11.04
N VAL A 1114 -13.57 46.41 10.94
CA VAL A 1114 -15.01 46.67 10.83
C VAL A 1114 -15.59 47.16 12.15
N THR A 1115 -15.06 46.67 13.28
CA THR A 1115 -15.63 47.05 14.57
C THR A 1115 -15.37 48.51 14.89
N PHE A 1116 -14.18 49.03 14.54
CA PHE A 1116 -13.86 50.41 14.88
C PHE A 1116 -14.69 51.39 14.06
N ILE A 1117 -14.86 51.15 12.76
CA ILE A 1117 -15.71 52.02 11.96
C ILE A 1117 -17.15 51.92 12.41
N SER A 1118 -17.59 50.73 12.81
CA SER A 1118 -18.94 50.55 13.34
C SER A 1118 -19.15 51.35 14.62
N ILE A 1119 -18.23 51.20 15.58
CA ILE A 1119 -18.36 51.88 16.86
C ILE A 1119 -18.33 53.39 16.69
N LEU A 1120 -17.43 53.89 15.84
CA LEU A 1120 -17.25 55.32 15.70
C LEU A 1120 -18.40 55.98 14.93
N THR A 1121 -19.04 55.24 14.03
CA THR A 1121 -20.07 55.84 13.17
C THR A 1121 -21.40 56.03 13.89
N THR A 1122 -21.64 55.32 14.99
CA THR A 1122 -22.93 55.41 15.67
C THR A 1122 -23.13 56.81 16.23
N GLY A 1123 -24.01 57.58 15.59
CA GLY A 1123 -24.26 58.95 16.01
C GLY A 1123 -25.35 59.03 17.06
N GLU A 1124 -26.31 59.93 16.85
CA GLU A 1124 -27.43 60.08 17.79
C GLU A 1124 -28.56 59.09 17.46
N GLY A 1125 -28.20 57.81 17.52
CA GLY A 1125 -29.14 56.72 17.41
C GLY A 1125 -29.19 56.12 16.01
N GLU A 1126 -29.74 54.91 15.94
CA GLU A 1126 -30.00 54.20 14.68
C GLU A 1126 -28.71 54.05 13.87
N GLY A 1127 -27.76 53.34 14.44
CA GLY A 1127 -26.49 53.09 13.81
C GLY A 1127 -26.59 52.14 12.64
N ARG A 1128 -27.04 52.63 11.49
CA ARG A 1128 -27.25 51.76 10.33
C ARG A 1128 -25.94 51.13 9.86
N VAL A 1129 -24.86 51.90 9.86
CA VAL A 1129 -23.62 51.44 9.24
C VAL A 1129 -23.08 50.20 9.96
N GLY A 1130 -23.18 50.15 11.28
CA GLY A 1130 -22.78 48.97 12.01
C GLY A 1130 -23.72 47.80 11.83
N ILE A 1131 -25.01 48.08 11.60
CA ILE A 1131 -25.97 47.01 11.39
C ILE A 1131 -25.66 46.26 10.10
N ILE A 1132 -25.23 46.99 9.07
CA ILE A 1132 -24.92 46.35 7.80
C ILE A 1132 -23.57 45.65 7.84
N LEU A 1133 -22.56 46.30 8.42
CA LEU A 1133 -21.20 45.77 8.36
C LEU A 1133 -21.02 44.53 9.24
N THR A 1134 -21.51 44.57 10.48
CA THR A 1134 -21.30 43.44 11.37
C THR A 1134 -21.99 42.18 10.87
N LEU A 1135 -23.15 42.34 10.23
CA LEU A 1135 -23.81 41.19 9.60
C LEU A 1135 -22.93 40.60 8.51
N ALA A 1136 -22.28 41.46 7.72
CA ALA A 1136 -21.43 40.98 6.64
C ALA A 1136 -20.26 40.17 7.16
N MET A 1137 -19.81 40.44 8.39
CA MET A 1137 -18.69 39.71 8.96
C MET A 1137 -19.13 38.50 9.79
N ASN A 1138 -20.42 38.39 10.11
CA ASN A 1138 -20.89 37.18 10.81
C ASN A 1138 -20.92 35.98 9.88
N ILE A 1139 -21.22 36.21 8.59
CA ILE A 1139 -21.28 35.11 7.64
C ILE A 1139 -19.88 34.59 7.33
N MET A 1140 -18.87 35.45 7.35
CA MET A 1140 -17.51 35.02 7.05
C MET A 1140 -16.95 34.09 8.12
N SER A 1141 -17.55 34.06 9.31
CA SER A 1141 -17.16 33.06 10.29
C SER A 1141 -17.50 31.66 9.83
N THR A 1142 -18.46 31.52 8.92
CA THR A 1142 -18.78 30.24 8.31
C THR A 1142 -18.02 30.00 7.02
N LEU A 1143 -17.78 31.06 6.24
CA LEU A 1143 -17.04 30.89 4.99
C LEU A 1143 -15.61 30.45 5.25
N GLN A 1144 -15.03 30.87 6.37
CA GLN A 1144 -13.71 30.38 6.75
C GLN A 1144 -13.72 28.86 6.92
N TRP A 1145 -14.78 28.33 7.54
CA TRP A 1145 -14.93 26.89 7.63
C TRP A 1145 -15.09 26.26 6.25
N ALA A 1146 -15.84 26.92 5.36
CA ALA A 1146 -16.02 26.38 4.02
C ALA A 1146 -14.71 26.35 3.25
N VAL A 1147 -13.87 27.38 3.42
CA VAL A 1147 -12.60 27.41 2.72
C VAL A 1147 -11.69 26.30 3.22
N ASN A 1148 -11.65 26.07 4.53
CA ASN A 1148 -10.82 25.00 5.07
C ASN A 1148 -11.29 23.64 4.58
N SER A 1149 -12.60 23.44 4.48
CA SER A 1149 -13.12 22.18 3.94
C SER A 1149 -12.75 22.03 2.47
N SER A 1150 -12.70 23.15 1.73
CA SER A 1150 -12.32 23.09 0.33
C SER A 1150 -10.88 22.64 0.16
N ILE A 1151 -9.99 23.09 1.06
CA ILE A 1151 -8.60 22.66 1.01
C ILE A 1151 -8.50 21.16 1.25
N ASP A 1152 -9.27 20.64 2.20
CA ASP A 1152 -9.26 19.20 2.46
C ASP A 1152 -9.77 18.41 1.26
N VAL A 1153 -10.82 18.91 0.61
CA VAL A 1153 -11.34 18.22 -0.57
C VAL A 1153 -10.30 18.18 -1.67
N ASP A 1154 -9.65 19.31 -1.93
CA ASP A 1154 -8.64 19.36 -2.99
C ASP A 1154 -7.42 18.51 -2.65
N SER A 1155 -7.05 18.47 -1.37
CA SER A 1155 -5.94 17.60 -0.96
C SER A 1155 -6.29 16.14 -1.21
N LEU A 1156 -7.52 15.73 -0.89
CA LEU A 1156 -7.94 14.36 -1.13
C LEU A 1156 -8.19 14.07 -2.60
N MET A 1157 -8.49 15.10 -3.40
CA MET A 1157 -8.71 14.88 -4.83
C MET A 1157 -7.41 14.54 -5.56
N ARG A 1158 -6.27 14.69 -4.90
CA ARG A 1158 -5.02 14.20 -5.47
C ARG A 1158 -5.09 12.70 -5.70
N SER A 1159 -5.77 11.97 -4.82
CA SER A 1159 -5.93 10.54 -5.00
C SER A 1159 -6.70 10.22 -6.28
N VAL A 1160 -7.77 10.97 -6.54
CA VAL A 1160 -8.57 10.76 -7.75
C VAL A 1160 -7.70 10.91 -9.00
N SER A 1161 -6.88 11.96 -9.04
CA SER A 1161 -6.05 12.20 -10.21
C SER A 1161 -5.02 11.09 -10.40
N ARG A 1162 -4.46 10.57 -9.30
CA ARG A 1162 -3.47 9.52 -9.41
C ARG A 1162 -4.08 8.20 -9.87
N VAL A 1163 -5.35 7.97 -9.56
CA VAL A 1163 -6.03 6.79 -10.11
C VAL A 1163 -6.36 6.98 -11.58
N PHE A 1164 -6.79 8.20 -11.96
CA PHE A 1164 -7.04 8.47 -13.37
C PHE A 1164 -5.78 8.32 -14.21
N LYS A 1165 -4.60 8.51 -13.60
CA LYS A 1165 -3.36 8.38 -14.34
C LYS A 1165 -3.13 6.94 -14.81
N PHE A 1166 -3.71 5.96 -14.11
CA PHE A 1166 -3.59 4.57 -14.55
C PHE A 1166 -4.58 4.24 -15.66
N ILE A 1167 -5.75 4.88 -15.66
CA ILE A 1167 -6.75 4.58 -16.68
C ILE A 1167 -6.27 4.99 -18.06
N ASP A 1168 -5.48 6.06 -18.14
CA ASP A 1168 -5.00 6.58 -19.42
C ASP A 1168 -3.81 5.81 -19.98
N MET A 1169 -3.38 4.74 -19.31
CA MET A 1169 -2.24 3.98 -19.79
C MET A 1169 -2.55 3.33 -21.13
N PRO A 1170 -1.57 3.19 -22.03
CA PRO A 1170 -1.85 2.67 -23.37
C PRO A 1170 -2.26 1.20 -23.34
N THR A 1171 -2.95 0.79 -24.41
CA THR A 1171 -3.33 -0.60 -24.63
C THR A 1171 -2.50 -1.18 -25.75
N GLU A 1172 -1.99 -2.41 -25.55
CA GLU A 1172 -1.09 -3.01 -26.52
C GLU A 1172 -1.77 -3.33 -27.84
N GLY A 1173 -3.10 -3.47 -27.85
CA GLY A 1173 -3.82 -3.79 -29.06
C GLY A 1173 -3.89 -2.64 -30.06
N ILE A 1203 -12.95 -24.75 -37.44
CA ILE A 1203 -11.88 -24.65 -36.47
C ILE A 1203 -10.61 -24.14 -37.16
N TRP A 1204 -10.01 -23.09 -36.60
CA TRP A 1204 -8.85 -22.48 -37.26
C TRP A 1204 -7.58 -23.31 -37.08
N PRO A 1205 -7.09 -23.58 -35.83
CA PRO A 1205 -5.81 -24.28 -35.67
C PRO A 1205 -5.91 -25.79 -35.93
N SER A 1206 -6.48 -26.15 -37.09
CA SER A 1206 -6.67 -27.56 -37.40
C SER A 1206 -5.35 -28.30 -37.49
N GLY A 1207 -4.37 -27.71 -38.18
CA GLY A 1207 -3.13 -28.41 -38.46
C GLY A 1207 -2.00 -28.13 -37.48
N GLY A 1208 -1.76 -26.86 -37.19
CA GLY A 1208 -0.64 -26.48 -36.36
C GLY A 1208 0.64 -26.17 -37.09
N GLN A 1209 0.63 -26.16 -38.42
CA GLN A 1209 1.79 -25.76 -39.19
C GLN A 1209 1.97 -24.25 -39.12
N MET A 1210 3.20 -23.81 -38.82
CA MET A 1210 3.49 -22.39 -38.70
C MET A 1210 4.76 -22.05 -39.46
N THR A 1211 4.90 -20.78 -39.81
CA THR A 1211 6.03 -20.29 -40.59
C THR A 1211 6.46 -18.93 -40.05
N VAL A 1212 7.74 -18.79 -39.76
CA VAL A 1212 8.32 -17.54 -39.25
C VAL A 1212 9.18 -16.92 -40.34
N LYS A 1213 8.97 -15.63 -40.60
CA LYS A 1213 9.72 -14.91 -41.64
C LYS A 1213 10.20 -13.58 -41.10
N ASP A 1214 11.52 -13.41 -41.01
CA ASP A 1214 12.16 -12.13 -40.67
C ASP A 1214 11.64 -11.58 -39.34
N LEU A 1215 11.65 -12.43 -38.32
CA LEU A 1215 11.22 -12.02 -36.99
C LEU A 1215 12.33 -11.28 -36.25
N THR A 1216 12.00 -10.14 -35.68
CA THR A 1216 12.93 -9.37 -34.85
C THR A 1216 12.26 -9.04 -33.52
N ALA A 1217 13.01 -9.19 -32.43
CA ALA A 1217 12.48 -9.00 -31.08
C ALA A 1217 13.37 -8.07 -30.29
N LYS A 1218 12.74 -7.21 -29.49
CA LYS A 1218 13.47 -6.27 -28.63
C LYS A 1218 12.53 -5.80 -27.54
N TYR A 1219 12.98 -5.92 -26.28
CA TYR A 1219 12.12 -5.62 -25.14
C TYR A 1219 11.67 -4.15 -25.13
N THR A 1220 12.61 -3.23 -25.01
CA THR A 1220 12.30 -1.82 -25.00
C THR A 1220 12.42 -1.24 -26.41
N GLU A 1221 11.55 -0.29 -26.72
CA GLU A 1221 11.63 0.38 -28.02
C GLU A 1221 12.91 1.20 -28.09
N GLY A 1222 13.67 1.02 -29.17
CA GLY A 1222 14.96 1.66 -29.30
C GLY A 1222 16.08 0.99 -28.53
N GLY A 1223 15.84 -0.21 -28.00
CA GLY A 1223 16.85 -0.91 -27.25
C GLY A 1223 17.60 -1.94 -28.09
N ASN A 1224 18.42 -2.72 -27.40
CA ASN A 1224 19.20 -3.76 -28.07
C ASN A 1224 18.29 -4.83 -28.62
N ALA A 1225 18.61 -5.31 -29.83
CA ALA A 1225 17.82 -6.35 -30.49
C ALA A 1225 18.30 -7.71 -29.99
N ILE A 1226 17.48 -8.36 -29.16
CA ILE A 1226 17.86 -9.67 -28.63
C ILE A 1226 17.82 -10.72 -29.74
N LEU A 1227 16.89 -10.60 -30.68
CA LEU A 1227 16.81 -11.50 -31.82
C LEU A 1227 16.69 -10.67 -33.10
N GLU A 1228 17.40 -11.10 -34.14
CA GLU A 1228 17.43 -10.36 -35.40
C GLU A 1228 17.19 -11.31 -36.58
N ASN A 1229 16.31 -10.88 -37.48
CA ASN A 1229 15.95 -11.56 -38.73
C ASN A 1229 15.83 -13.09 -38.59
N ILE A 1230 15.19 -13.55 -37.52
CA ILE A 1230 15.01 -14.99 -37.34
C ILE A 1230 14.02 -15.51 -38.38
N SER A 1231 14.35 -16.64 -39.01
CA SER A 1231 13.49 -17.27 -40.00
C SER A 1231 13.61 -18.77 -39.89
N PHE A 1232 12.49 -19.46 -39.69
CA PHE A 1232 12.45 -20.91 -39.64
C PHE A 1232 11.01 -21.37 -39.81
N SER A 1233 10.84 -22.67 -40.06
CA SER A 1233 9.52 -23.24 -40.23
C SER A 1233 9.47 -24.63 -39.61
N ILE A 1234 8.28 -25.00 -39.13
CA ILE A 1234 8.05 -26.33 -38.56
C ILE A 1234 6.81 -26.93 -39.22
N SER A 1235 6.82 -28.25 -39.34
CA SER A 1235 5.75 -29.01 -39.97
C SER A 1235 4.68 -29.38 -38.96
N PRO A 1236 3.46 -29.67 -39.42
CA PRO A 1236 2.40 -30.07 -38.47
C PRO A 1236 2.68 -31.44 -37.87
N GLY A 1237 2.37 -31.57 -36.59
CA GLY A 1237 2.59 -32.82 -35.89
C GLY A 1237 4.04 -33.14 -35.62
N GLN A 1238 4.90 -32.13 -35.56
CA GLN A 1238 6.33 -32.31 -35.36
C GLN A 1238 6.75 -31.68 -34.05
N ARG A 1239 7.46 -32.44 -33.22
CA ARG A 1239 7.98 -31.93 -31.96
C ARG A 1239 9.36 -31.36 -32.16
N VAL A 1240 9.57 -30.12 -31.74
CA VAL A 1240 10.77 -29.36 -32.04
C VAL A 1240 11.45 -28.96 -30.74
N GLY A 1241 12.76 -29.23 -30.66
CA GLY A 1241 13.55 -28.79 -29.53
C GLY A 1241 14.13 -27.40 -29.74
N LEU A 1242 14.33 -26.69 -28.64
CA LEU A 1242 14.85 -25.33 -28.67
C LEU A 1242 15.87 -25.20 -27.54
N LEU A 1243 17.16 -25.21 -27.89
CA LEU A 1243 18.23 -25.25 -26.90
C LEU A 1243 19.20 -24.10 -27.16
N GLY A 1244 20.20 -24.01 -26.29
CA GLY A 1244 21.16 -22.94 -26.34
C GLY A 1244 21.67 -22.61 -24.95
N ARG A 1245 22.76 -21.87 -24.91
CA ARG A 1245 23.39 -21.54 -23.63
C ARG A 1245 22.48 -20.63 -22.81
N THR A 1246 22.66 -20.67 -21.49
CA THR A 1246 21.88 -19.86 -20.58
C THR A 1246 22.02 -18.39 -20.94
N GLY A 1247 20.89 -17.70 -21.06
CA GLY A 1247 20.92 -16.30 -21.41
C GLY A 1247 21.17 -16.01 -22.87
N SER A 1248 20.75 -16.92 -23.76
CA SER A 1248 20.93 -16.72 -25.19
C SER A 1248 19.71 -16.12 -25.87
N GLY A 1249 18.52 -16.29 -25.30
CA GLY A 1249 17.33 -15.76 -25.91
C GLY A 1249 16.20 -16.78 -26.05
N LYS A 1250 16.31 -17.90 -25.36
CA LYS A 1250 15.32 -18.97 -25.52
C LYS A 1250 13.93 -18.53 -25.09
N SER A 1251 13.81 -17.98 -23.88
CA SER A 1251 12.50 -17.50 -23.43
C SER A 1251 12.06 -16.28 -24.21
N THR A 1252 12.99 -15.47 -24.70
CA THR A 1252 12.62 -14.33 -25.53
C THR A 1252 11.96 -14.81 -26.83
N LEU A 1253 12.51 -15.85 -27.45
CA LEU A 1253 11.91 -16.37 -28.68
C LEU A 1253 10.53 -16.93 -28.41
N LEU A 1254 10.37 -17.68 -27.32
CA LEU A 1254 9.05 -18.24 -27.00
C LEU A 1254 8.06 -17.15 -26.61
N SER A 1255 8.53 -16.06 -26.01
CA SER A 1255 7.64 -14.94 -25.70
C SER A 1255 7.29 -14.15 -26.96
N ALA A 1256 8.16 -14.19 -27.98
CA ALA A 1256 7.87 -13.46 -29.21
C ALA A 1256 6.68 -14.05 -29.95
N PHE A 1257 6.45 -15.36 -29.79
CA PHE A 1257 5.28 -15.97 -30.43
C PHE A 1257 3.98 -15.37 -29.90
N LEU A 1258 3.89 -15.18 -28.58
CA LEU A 1258 2.69 -14.63 -27.98
C LEU A 1258 2.60 -13.12 -28.12
N ARG A 1259 3.68 -12.47 -28.54
CA ARG A 1259 3.74 -11.01 -28.69
C ARG A 1259 3.45 -10.32 -27.36
N LEU A 1260 4.32 -10.56 -26.39
CA LEU A 1260 4.33 -9.77 -25.17
C LEU A 1260 5.26 -8.58 -25.28
N LEU A 1261 6.37 -8.73 -25.99
CA LEU A 1261 7.33 -7.67 -26.26
C LEU A 1261 7.18 -7.19 -27.70
N ASN A 1262 7.71 -6.00 -27.97
CA ASN A 1262 7.61 -5.40 -29.29
C ASN A 1262 8.36 -6.24 -30.31
N THR A 1263 7.70 -6.57 -31.41
CA THR A 1263 8.26 -7.45 -32.42
C THR A 1263 8.02 -6.88 -33.81
N GLU A 1264 8.85 -7.30 -34.76
CA GLU A 1264 8.67 -7.01 -36.17
C GLU A 1264 8.60 -8.32 -36.94
N GLY A 1265 8.05 -8.25 -38.15
CA GLY A 1265 7.89 -9.45 -38.96
C GLY A 1265 6.52 -10.09 -38.77
N GLU A 1266 6.42 -11.33 -39.24
CA GLU A 1266 5.14 -12.03 -39.22
C GLU A 1266 5.36 -13.51 -38.99
N ILE A 1267 4.42 -14.14 -38.27
CA ILE A 1267 4.45 -15.57 -38.00
C ILE A 1267 3.05 -16.13 -38.21
N GLN A 1268 2.81 -16.71 -39.39
CA GLN A 1268 1.47 -17.20 -39.73
C GLN A 1268 1.30 -18.64 -39.29
N ILE A 1269 0.07 -18.98 -38.90
CA ILE A 1269 -0.32 -20.33 -38.54
C ILE A 1269 -1.42 -20.77 -39.48
N ASP A 1270 -1.19 -21.89 -40.18
CA ASP A 1270 -2.19 -22.48 -41.08
C ASP A 1270 -2.63 -21.51 -42.17
N GLY A 1271 -1.80 -20.52 -42.48
CA GLY A 1271 -2.08 -19.62 -43.58
C GLY A 1271 -2.80 -18.33 -43.24
N VAL A 1272 -2.86 -17.94 -41.97
CA VAL A 1272 -3.46 -16.67 -41.57
C VAL A 1272 -2.39 -15.84 -40.86
N SER A 1273 -2.30 -14.57 -41.21
CA SER A 1273 -1.24 -13.71 -40.68
C SER A 1273 -1.60 -13.21 -39.29
N TRP A 1274 -0.64 -12.51 -38.68
CA TRP A 1274 -0.82 -11.93 -37.36
C TRP A 1274 -2.00 -10.95 -37.34
N ASP A 1275 -1.94 -9.92 -38.17
CA ASP A 1275 -2.93 -8.85 -38.13
C ASP A 1275 -4.29 -9.28 -38.65
N SER A 1276 -4.39 -10.43 -39.31
CA SER A 1276 -5.69 -10.91 -39.78
C SER A 1276 -6.58 -11.36 -38.64
N ILE A 1277 -6.01 -11.62 -37.45
CA ILE A 1277 -6.74 -12.13 -36.32
C ILE A 1277 -6.47 -11.26 -35.10
N THR A 1278 -7.50 -11.05 -34.28
CA THR A 1278 -7.37 -10.24 -33.08
C THR A 1278 -6.38 -10.87 -32.12
N LEU A 1279 -5.72 -10.03 -31.32
CA LEU A 1279 -4.59 -10.48 -30.50
C LEU A 1279 -5.00 -11.56 -29.53
N GLN A 1280 -6.15 -11.40 -28.86
CA GLN A 1280 -6.55 -12.39 -27.87
C GLN A 1280 -6.98 -13.70 -28.50
N GLN A 1281 -7.60 -13.63 -29.69
CA GLN A 1281 -7.91 -14.86 -30.41
C GLN A 1281 -6.64 -15.57 -30.85
N TRP A 1282 -5.61 -14.80 -31.22
CA TRP A 1282 -4.32 -15.38 -31.59
C TRP A 1282 -3.70 -16.13 -30.42
N ARG A 1283 -3.61 -15.48 -29.26
CA ARG A 1283 -2.95 -16.08 -28.11
C ARG A 1283 -3.65 -17.34 -27.63
N LYS A 1284 -4.97 -17.42 -27.83
CA LYS A 1284 -5.73 -18.55 -27.27
C LYS A 1284 -5.41 -19.86 -27.97
N ALA A 1285 -4.73 -19.82 -29.11
CA ALA A 1285 -4.36 -21.04 -29.82
C ALA A 1285 -3.23 -21.80 -29.14
N PHE A 1286 -2.49 -21.15 -28.24
CA PHE A 1286 -1.31 -21.74 -27.62
C PHE A 1286 -1.59 -22.26 -26.22
N GLY A 1287 -0.83 -23.29 -25.84
CA GLY A 1287 -0.78 -23.74 -24.45
C GLY A 1287 0.61 -23.51 -23.89
N VAL A 1288 0.71 -22.73 -22.82
CA VAL A 1288 2.00 -22.20 -22.37
C VAL A 1288 2.34 -22.77 -21.01
N ILE A 1289 3.62 -23.09 -20.82
CA ILE A 1289 4.18 -23.45 -19.52
C ILE A 1289 5.32 -22.49 -19.21
N PRO A 1290 5.04 -21.39 -18.50
CA PRO A 1290 6.08 -20.39 -18.25
C PRO A 1290 7.19 -20.92 -17.37
N GLN A 1291 8.34 -20.22 -17.41
CA GLN A 1291 9.47 -20.62 -16.58
C GLN A 1291 9.20 -20.37 -15.10
N LYS A 1292 8.60 -19.22 -14.77
CA LYS A 1292 8.24 -18.91 -13.39
C LYS A 1292 6.82 -19.40 -13.13
N VAL A 1293 6.71 -20.50 -12.38
CA VAL A 1293 5.41 -21.10 -12.11
C VAL A 1293 4.57 -20.16 -11.27
N PHE A 1294 3.34 -19.90 -11.72
CA PHE A 1294 2.43 -18.98 -11.04
C PHE A 1294 1.35 -19.76 -10.29
N ILE A 1295 1.21 -19.47 -9.00
CA ILE A 1295 0.19 -20.07 -8.15
C ILE A 1295 -0.34 -19.01 -7.21
N PHE A 1296 -1.63 -18.72 -7.30
CA PHE A 1296 -2.27 -17.73 -6.44
C PHE A 1296 -3.00 -18.40 -5.28
N SER A 1297 -3.30 -17.61 -4.27
CA SER A 1297 -3.98 -18.12 -3.09
C SER A 1297 -5.40 -18.54 -3.43
N GLY A 1298 -5.74 -19.80 -3.16
CA GLY A 1298 -7.05 -20.31 -3.47
C GLY A 1298 -7.05 -21.82 -3.46
N THR A 1299 -8.22 -22.36 -3.76
CA THR A 1299 -8.39 -23.81 -3.79
C THR A 1299 -7.62 -24.42 -4.96
N PHE A 1300 -7.40 -25.73 -4.87
CA PHE A 1300 -6.70 -26.43 -5.95
C PHE A 1300 -7.49 -26.37 -7.25
N ARG A 1301 -8.82 -26.60 -7.17
CA ARG A 1301 -9.63 -26.58 -8.38
C ARG A 1301 -9.69 -25.18 -8.99
N LYS A 1302 -9.58 -24.14 -8.16
CA LYS A 1302 -9.53 -22.78 -8.69
C LYS A 1302 -8.21 -22.53 -9.42
N ASN A 1303 -7.11 -23.04 -8.86
CA ASN A 1303 -5.81 -22.86 -9.52
C ASN A 1303 -5.72 -23.67 -10.81
N LEU A 1304 -6.33 -24.85 -10.86
CA LEU A 1304 -6.25 -25.67 -12.06
C LEU A 1304 -7.14 -25.15 -13.18
N ASP A 1305 -8.25 -24.49 -12.84
CA ASP A 1305 -9.10 -23.89 -13.87
C ASP A 1305 -9.93 -22.76 -13.26
N PRO A 1306 -9.42 -21.53 -13.28
CA PRO A 1306 -10.18 -20.40 -12.71
C PRO A 1306 -11.54 -20.19 -13.35
N TYR A 1307 -11.68 -20.51 -14.64
CA TYR A 1307 -12.94 -20.31 -15.34
C TYR A 1307 -14.01 -21.31 -14.92
N GLU A 1308 -13.65 -22.34 -14.17
CA GLU A 1308 -14.61 -23.33 -13.67
C GLU A 1308 -15.34 -24.02 -14.82
N GLN A 1309 -14.59 -24.44 -15.83
CA GLN A 1309 -15.16 -25.08 -17.02
C GLN A 1309 -14.90 -26.58 -17.05
N TRP A 1310 -14.48 -27.17 -15.93
CA TRP A 1310 -14.22 -28.60 -15.86
C TRP A 1310 -14.81 -29.16 -14.57
N SER A 1311 -15.45 -30.33 -14.68
CA SER A 1311 -15.93 -31.04 -13.51
C SER A 1311 -14.78 -31.77 -12.82
N ASP A 1312 -15.02 -32.17 -11.58
CA ASP A 1312 -13.96 -32.81 -10.79
C ASP A 1312 -13.52 -34.14 -11.40
N GLN A 1313 -14.39 -34.80 -12.16
CA GLN A 1313 -14.02 -36.07 -12.77
C GLN A 1313 -12.83 -35.92 -13.69
N GLU A 1314 -12.85 -34.90 -14.55
CA GLU A 1314 -11.72 -34.68 -15.46
C GLU A 1314 -10.50 -34.16 -14.72
N ILE A 1315 -10.70 -33.42 -13.62
CA ILE A 1315 -9.57 -32.91 -12.86
C ILE A 1315 -8.79 -34.06 -12.25
N TRP A 1316 -9.49 -35.04 -11.65
CA TRP A 1316 -8.81 -36.21 -11.13
C TRP A 1316 -8.19 -37.04 -12.24
N LYS A 1317 -8.89 -37.17 -13.37
CA LYS A 1317 -8.37 -37.97 -14.48
C LYS A 1317 -7.08 -37.39 -15.04
N VAL A 1318 -6.89 -36.07 -14.90
CA VAL A 1318 -5.62 -35.47 -15.30
C VAL A 1318 -4.62 -35.55 -14.17
N ALA A 1319 -5.06 -35.34 -12.93
CA ALA A 1319 -4.16 -35.44 -11.78
C ALA A 1319 -3.56 -36.84 -11.68
N ASP A 1320 -4.32 -37.87 -12.05
CA ASP A 1320 -3.77 -39.22 -12.05
C ASP A 1320 -2.71 -39.39 -13.12
N GLU A 1321 -2.90 -38.75 -14.28
CA GLU A 1321 -1.96 -38.91 -15.37
C GLU A 1321 -0.66 -38.16 -15.11
N VAL A 1322 -0.71 -37.04 -14.40
CA VAL A 1322 0.48 -36.26 -14.08
C VAL A 1322 1.05 -36.57 -12.72
N GLY A 1323 0.44 -37.49 -11.97
CA GLY A 1323 1.02 -37.91 -10.71
C GLY A 1323 0.85 -36.96 -9.55
N LEU A 1324 -0.15 -36.10 -9.58
CA LEU A 1324 -0.45 -35.24 -8.44
C LEU A 1324 -1.31 -35.93 -7.39
N ARG A 1325 -1.69 -37.19 -7.61
CA ARG A 1325 -2.55 -37.91 -6.69
C ARG A 1325 -2.05 -37.83 -5.25
N SER A 1326 -0.84 -38.33 -5.01
CA SER A 1326 -0.38 -38.50 -3.63
C SER A 1326 -0.24 -37.17 -2.89
N VAL A 1327 0.25 -36.13 -3.57
CA VAL A 1327 0.46 -34.85 -2.90
C VAL A 1327 -0.87 -34.17 -2.59
N ILE A 1328 -1.84 -34.29 -3.48
CA ILE A 1328 -3.13 -33.63 -3.27
C ILE A 1328 -3.87 -34.25 -2.09
N GLU A 1329 -3.96 -35.58 -2.06
CA GLU A 1329 -4.75 -36.25 -1.05
C GLU A 1329 -4.13 -36.16 0.35
N GLN A 1330 -2.84 -35.82 0.44
CA GLN A 1330 -2.22 -35.68 1.76
C GLN A 1330 -2.90 -34.58 2.57
N PHE A 1331 -3.22 -33.46 1.94
CA PHE A 1331 -3.76 -32.31 2.65
C PHE A 1331 -5.20 -32.59 3.08
N PRO A 1332 -5.66 -31.96 4.17
CA PRO A 1332 -7.01 -32.26 4.68
C PRO A 1332 -8.10 -32.01 3.66
N GLY A 1333 -8.02 -30.92 2.91
CA GLY A 1333 -9.05 -30.63 1.92
C GLY A 1333 -8.66 -31.09 0.53
N LYS A 1334 -9.15 -32.25 0.12
CA LYS A 1334 -8.85 -32.76 -1.21
C LYS A 1334 -9.56 -31.89 -2.25
N LEU A 1335 -8.77 -31.25 -3.12
CA LEU A 1335 -9.25 -30.31 -4.13
C LEU A 1335 -9.95 -29.11 -3.51
N ASP A 1336 -9.78 -28.89 -2.21
CA ASP A 1336 -10.38 -27.76 -1.51
C ASP A 1336 -9.40 -26.98 -0.66
N PHE A 1337 -8.21 -27.51 -0.39
CA PHE A 1337 -7.23 -26.84 0.46
C PHE A 1337 -6.85 -25.48 -0.11
N VAL A 1338 -6.95 -24.46 0.73
CA VAL A 1338 -6.60 -23.08 0.34
C VAL A 1338 -5.09 -22.92 0.48
N LEU A 1339 -4.42 -22.64 -0.64
CA LEU A 1339 -3.00 -22.39 -0.62
C LEU A 1339 -2.69 -21.00 -0.08
N VAL A 1340 -1.54 -20.88 0.59
CA VAL A 1340 -1.11 -19.62 1.19
C VAL A 1340 0.35 -19.38 0.80
N ASP A 1341 0.74 -18.11 0.78
CA ASP A 1341 2.11 -17.69 0.49
C ASP A 1341 2.55 -18.19 -0.89
N GLY A 1342 1.66 -18.06 -1.86
CA GLY A 1342 1.98 -18.48 -3.22
C GLY A 1342 2.23 -19.97 -3.35
N GLY A 1343 1.57 -20.78 -2.53
CA GLY A 1343 1.77 -22.21 -2.58
C GLY A 1343 3.03 -22.70 -1.93
N CYS A 1344 3.41 -22.11 -0.79
CA CYS A 1344 4.61 -22.55 -0.08
C CYS A 1344 4.50 -23.98 0.41
N VAL A 1345 3.28 -24.52 0.55
CA VAL A 1345 3.12 -25.88 1.05
C VAL A 1345 3.68 -26.88 0.07
N LEU A 1346 3.55 -26.63 -1.22
CA LEU A 1346 4.05 -27.55 -2.24
C LEU A 1346 5.55 -27.38 -2.42
N SER A 1347 6.23 -28.48 -2.74
CA SER A 1347 7.62 -28.42 -3.14
C SER A 1347 7.74 -27.85 -4.55
N HIS A 1348 8.97 -27.56 -4.96
CA HIS A 1348 9.17 -27.01 -6.29
C HIS A 1348 8.77 -28.01 -7.37
N GLY A 1349 9.07 -29.29 -7.15
CA GLY A 1349 8.68 -30.30 -8.12
C GLY A 1349 7.18 -30.46 -8.26
N HIS A 1350 6.44 -30.23 -7.17
CA HIS A 1350 4.99 -30.28 -7.25
C HIS A 1350 4.42 -29.09 -8.00
N LYS A 1351 5.09 -27.93 -7.93
CA LYS A 1351 4.64 -26.79 -8.73
C LYS A 1351 4.81 -27.03 -10.22
N GLN A 1352 5.90 -27.70 -10.61
CA GLN A 1352 6.09 -28.02 -12.02
C GLN A 1352 5.01 -28.98 -12.50
N LEU A 1353 4.66 -29.98 -11.68
CA LEU A 1353 3.58 -30.88 -12.05
C LEU A 1353 2.24 -30.16 -12.06
N MET A 1354 2.07 -29.14 -11.21
CA MET A 1354 0.84 -28.36 -11.22
C MET A 1354 0.67 -27.62 -12.54
N CYS A 1355 1.73 -26.98 -13.02
CA CYS A 1355 1.65 -26.30 -14.30
C CYS A 1355 1.52 -27.28 -15.46
N LEU A 1356 2.11 -28.48 -15.31
CA LEU A 1356 1.95 -29.50 -16.33
C LEU A 1356 0.49 -29.91 -16.46
N ALA A 1357 -0.17 -30.16 -15.33
CA ALA A 1357 -1.59 -30.49 -15.37
C ALA A 1357 -2.41 -29.35 -15.92
N ARG A 1358 -2.04 -28.11 -15.58
CA ARG A 1358 -2.76 -26.95 -16.09
C ARG A 1358 -2.68 -26.86 -17.61
N SER A 1359 -1.52 -27.18 -18.18
CA SER A 1359 -1.40 -27.18 -19.63
C SER A 1359 -2.16 -28.34 -20.25
N VAL A 1360 -2.13 -29.51 -19.62
CA VAL A 1360 -2.81 -30.68 -20.18
C VAL A 1360 -4.32 -30.45 -20.24
N LEU A 1361 -4.88 -29.83 -19.20
CA LEU A 1361 -6.32 -29.57 -19.19
C LEU A 1361 -6.72 -28.66 -20.34
N SER A 1362 -5.96 -27.61 -20.59
CA SER A 1362 -6.26 -26.66 -21.67
C SER A 1362 -5.75 -27.24 -22.98
N LYS A 1363 -6.60 -28.03 -23.62
CA LYS A 1363 -6.24 -28.69 -24.88
C LYS A 1363 -6.03 -27.67 -25.99
N ALA A 1364 -4.77 -27.49 -26.41
CA ALA A 1364 -4.42 -26.58 -27.48
C ALA A 1364 -3.65 -27.32 -28.56
N LYS A 1365 -3.89 -26.94 -29.82
CA LYS A 1365 -3.24 -27.59 -30.95
C LYS A 1365 -1.78 -27.20 -31.09
N ILE A 1366 -1.33 -26.16 -30.40
CA ILE A 1366 0.09 -25.79 -30.35
C ILE A 1366 0.42 -25.42 -28.91
N LEU A 1367 1.60 -25.82 -28.45
CA LEU A 1367 1.98 -25.57 -27.07
C LEU A 1367 3.47 -25.26 -26.98
N LEU A 1368 3.80 -24.30 -26.12
CA LEU A 1368 5.17 -23.82 -25.92
C LEU A 1368 5.57 -24.15 -24.49
N LEU A 1369 6.55 -25.03 -24.33
CA LEU A 1369 6.98 -25.52 -23.02
C LEU A 1369 8.35 -24.94 -22.71
N ASP A 1370 8.39 -23.94 -21.83
CA ASP A 1370 9.66 -23.34 -21.41
C ASP A 1370 10.09 -23.98 -20.11
N GLN A 1371 10.99 -24.96 -20.20
CA GLN A 1371 11.60 -25.65 -19.07
C GLN A 1371 10.57 -26.35 -18.19
N PRO A 1372 9.89 -27.39 -18.70
CA PRO A 1372 9.02 -28.18 -17.81
C PRO A 1372 9.78 -28.86 -16.68
N SER A 1373 10.84 -29.58 -16.99
CA SER A 1373 11.61 -30.32 -15.99
C SER A 1373 12.74 -29.44 -15.45
N ALA A 1374 12.34 -28.47 -14.61
CA ALA A 1374 13.30 -27.56 -14.03
C ALA A 1374 14.26 -28.27 -13.09
N HIS A 1375 13.72 -28.91 -12.05
CA HIS A 1375 14.53 -29.60 -11.07
C HIS A 1375 14.19 -31.08 -10.94
N LEU A 1376 13.28 -31.59 -11.77
CA LEU A 1376 12.82 -32.96 -11.65
C LEU A 1376 13.97 -33.93 -11.90
N ASP A 1377 14.13 -34.90 -10.99
CA ASP A 1377 15.12 -35.95 -11.16
C ASP A 1377 14.71 -36.88 -12.30
N PRO A 1378 15.65 -37.67 -12.83
CA PRO A 1378 15.32 -38.53 -13.97
C PRO A 1378 14.15 -39.48 -13.73
N VAL A 1379 13.92 -39.91 -12.49
CA VAL A 1379 12.76 -40.75 -12.22
C VAL A 1379 11.48 -39.97 -12.42
N THR A 1380 11.44 -38.72 -11.96
CA THR A 1380 10.26 -37.88 -12.14
C THR A 1380 10.10 -37.44 -13.59
N TYR A 1381 11.21 -37.32 -14.33
CA TYR A 1381 11.11 -36.95 -15.74
C TYR A 1381 10.31 -37.98 -16.54
N GLN A 1382 10.25 -39.23 -16.08
CA GLN A 1382 9.45 -40.23 -16.78
C GLN A 1382 8.00 -39.81 -16.89
N ILE A 1383 7.50 -39.05 -15.92
CA ILE A 1383 6.14 -38.51 -16.00
C ILE A 1383 6.05 -37.49 -17.11
N ILE A 1384 7.06 -36.62 -17.23
CA ILE A 1384 7.04 -35.56 -18.24
C ILE A 1384 7.01 -36.17 -19.64
N ARG A 1385 7.88 -37.14 -19.90
CA ARG A 1385 7.95 -37.72 -21.24
C ARG A 1385 6.71 -38.57 -21.54
N ARG A 1386 6.12 -39.19 -20.52
CA ARG A 1386 4.95 -40.02 -20.76
C ARG A 1386 3.74 -39.18 -21.16
N THR A 1387 3.45 -38.12 -20.41
CA THR A 1387 2.29 -37.30 -20.72
C THR A 1387 2.48 -36.50 -22.01
N LEU A 1388 3.72 -36.15 -22.34
CA LEU A 1388 3.98 -35.46 -23.60
C LEU A 1388 3.84 -36.41 -24.79
N LYS A 1389 4.14 -37.69 -24.59
CA LYS A 1389 4.01 -38.67 -25.66
C LYS A 1389 2.56 -39.07 -25.88
N GLN A 1390 1.78 -39.19 -24.81
CA GLN A 1390 0.40 -39.70 -24.92
C GLN A 1390 -0.61 -38.56 -25.08
N ALA A 1391 -0.65 -37.64 -24.12
CA ALA A 1391 -1.68 -36.61 -24.12
C ALA A 1391 -1.51 -35.61 -25.25
N PHE A 1392 -0.27 -35.24 -25.56
CA PHE A 1392 0.01 -34.30 -26.65
C PHE A 1392 0.37 -35.07 -27.93
N ALA A 1393 -0.62 -35.83 -28.41
CA ALA A 1393 -0.42 -36.77 -29.50
C ALA A 1393 -0.03 -36.08 -30.81
N ASP A 1394 -0.93 -35.25 -31.35
CA ASP A 1394 -0.75 -34.68 -32.67
C ASP A 1394 -0.41 -33.20 -32.68
N CYS A 1395 -0.56 -32.51 -31.56
CA CYS A 1395 -0.26 -31.09 -31.51
C CYS A 1395 1.25 -30.84 -31.60
N THR A 1396 1.62 -29.79 -32.32
CA THR A 1396 3.03 -29.43 -32.45
C THR A 1396 3.57 -28.93 -31.11
N VAL A 1397 4.75 -29.40 -30.75
CA VAL A 1397 5.37 -29.05 -29.47
C VAL A 1397 6.67 -28.30 -29.75
N ILE A 1398 6.86 -27.18 -29.07
CA ILE A 1398 8.13 -26.46 -29.05
C ILE A 1398 8.67 -26.58 -27.63
N LEU A 1399 9.53 -27.57 -27.42
CA LEU A 1399 10.02 -27.94 -26.09
C LEU A 1399 11.38 -27.31 -25.85
N CYS A 1400 11.44 -26.36 -24.91
CA CYS A 1400 12.70 -25.75 -24.48
C CYS A 1400 13.20 -26.50 -23.26
N GLU A 1401 14.34 -27.19 -23.39
CA GLU A 1401 14.87 -27.99 -22.31
C GLU A 1401 16.39 -27.87 -22.27
N HIS A 1402 16.95 -28.16 -21.10
CA HIS A 1402 18.40 -28.18 -20.91
C HIS A 1402 18.98 -29.57 -20.72
N ARG A 1403 18.23 -30.51 -20.14
CA ARG A 1403 18.73 -31.86 -19.99
C ARG A 1403 18.81 -32.54 -21.35
N ILE A 1404 19.89 -33.29 -21.56
CA ILE A 1404 20.12 -33.92 -22.85
C ILE A 1404 19.21 -35.13 -23.06
N GLU A 1405 18.74 -35.77 -21.98
CA GLU A 1405 17.86 -36.92 -22.12
C GLU A 1405 16.55 -36.53 -22.81
N ALA A 1406 16.13 -35.27 -22.70
CA ALA A 1406 14.88 -34.82 -23.29
C ALA A 1406 14.97 -34.62 -24.80
N MET A 1407 16.17 -34.56 -25.36
CA MET A 1407 16.31 -34.33 -26.80
C MET A 1407 15.95 -35.54 -27.64
N LEU A 1408 15.78 -36.71 -27.02
CA LEU A 1408 15.45 -37.91 -27.79
C LEU A 1408 14.11 -37.77 -28.49
N GLU A 1409 13.15 -37.09 -27.85
CA GLU A 1409 11.79 -37.03 -28.38
C GLU A 1409 11.67 -36.09 -29.56
N CYS A 1410 12.15 -34.86 -29.42
CA CYS A 1410 11.98 -33.85 -30.46
C CYS A 1410 12.84 -34.17 -31.67
N GLN A 1411 12.33 -33.86 -32.85
CA GLN A 1411 13.00 -34.20 -34.11
C GLN A 1411 13.90 -33.07 -34.58
N GLN A 1412 13.34 -31.89 -34.81
CA GLN A 1412 14.13 -30.73 -35.20
C GLN A 1412 14.68 -30.01 -33.99
N PHE A 1413 15.83 -29.37 -34.16
CA PHE A 1413 16.50 -28.67 -33.07
C PHE A 1413 16.85 -27.25 -33.51
N LEU A 1414 16.43 -26.27 -32.72
CA LEU A 1414 16.75 -24.87 -32.96
C LEU A 1414 17.83 -24.45 -31.98
N VAL A 1415 19.05 -24.24 -32.48
CA VAL A 1415 20.17 -23.80 -31.66
C VAL A 1415 20.28 -22.29 -31.74
N ILE A 1416 20.16 -21.63 -30.59
CA ILE A 1416 20.21 -20.17 -30.51
C ILE A 1416 21.60 -19.76 -30.04
N GLU A 1417 22.22 -18.85 -30.77
CA GLU A 1417 23.53 -18.31 -30.39
C GLU A 1417 23.78 -17.03 -31.18
N GLU A 1418 24.39 -16.05 -30.52
CA GLU A 1418 24.76 -14.78 -31.14
C GLU A 1418 23.53 -14.09 -31.74
N ASN A 1419 22.43 -14.10 -30.99
CA ASN A 1419 21.17 -13.46 -31.40
C ASN A 1419 20.63 -14.02 -32.70
N LYS A 1420 21.01 -15.24 -33.06
CA LYS A 1420 20.58 -15.86 -34.30
C LYS A 1420 20.20 -17.31 -34.03
N VAL A 1421 19.41 -17.88 -34.94
CA VAL A 1421 18.90 -19.24 -34.82
C VAL A 1421 19.26 -20.03 -36.06
N ARG A 1422 19.64 -21.29 -35.86
CA ARG A 1422 19.96 -22.21 -36.94
C ARG A 1422 19.40 -23.58 -36.61
N GLN A 1423 18.76 -24.22 -37.58
CA GLN A 1423 18.03 -25.46 -37.36
C GLN A 1423 18.82 -26.66 -37.84
N TYR A 1424 18.77 -27.75 -37.07
CA TYR A 1424 19.39 -29.01 -37.42
C TYR A 1424 18.33 -30.11 -37.36
N ASP A 1425 18.46 -31.10 -38.24
CA ASP A 1425 17.48 -32.18 -38.31
C ASP A 1425 17.89 -33.41 -37.52
N SER A 1426 19.17 -33.53 -37.15
CA SER A 1426 19.65 -34.71 -36.45
C SER A 1426 20.52 -34.28 -35.28
N ILE A 1427 20.48 -35.07 -34.20
CA ILE A 1427 21.24 -34.72 -33.00
C ILE A 1427 22.72 -35.00 -33.19
N GLN A 1428 23.07 -35.97 -34.04
CA GLN A 1428 24.48 -36.31 -34.23
C GLN A 1428 25.22 -35.18 -34.94
N LYS A 1429 24.56 -34.49 -35.87
CA LYS A 1429 25.18 -33.33 -36.50
C LYS A 1429 25.35 -32.20 -35.50
N LEU A 1430 24.37 -32.00 -34.62
CA LEU A 1430 24.44 -30.94 -33.64
C LEU A 1430 25.64 -31.12 -32.71
N LEU A 1431 25.86 -32.35 -32.23
CA LEU A 1431 26.92 -32.59 -31.28
C LEU A 1431 28.28 -32.76 -31.94
N ASN A 1432 28.31 -33.13 -33.22
CA ASN A 1432 29.58 -33.15 -33.95
C ASN A 1432 30.09 -31.74 -34.17
N GLU A 1433 29.18 -30.78 -34.40
CA GLU A 1433 29.59 -29.39 -34.59
C GLU A 1433 30.30 -28.84 -33.36
N ARG A 1434 29.77 -29.12 -32.17
CA ARG A 1434 30.24 -28.51 -30.93
C ARG A 1434 30.90 -29.57 -30.07
N SER A 1435 32.23 -29.61 -30.10
CA SER A 1435 32.97 -30.59 -29.33
C SER A 1435 32.85 -30.34 -27.83
N LEU A 1436 33.01 -29.08 -27.40
CA LEU A 1436 32.97 -28.77 -25.98
C LEU A 1436 31.58 -29.03 -25.40
N PHE A 1437 30.53 -28.83 -26.20
CA PHE A 1437 29.20 -29.20 -25.77
C PHE A 1437 29.08 -30.70 -25.56
N ARG A 1438 29.63 -31.48 -26.50
CA ARG A 1438 29.54 -32.93 -26.42
C ARG A 1438 30.35 -33.48 -25.24
N GLN A 1439 31.55 -32.94 -25.01
CA GLN A 1439 32.43 -33.50 -24.01
C GLN A 1439 31.89 -33.36 -22.59
N ALA A 1440 30.92 -32.48 -22.37
CA ALA A 1440 30.37 -32.27 -21.04
C ALA A 1440 29.25 -33.22 -20.69
N ILE A 1441 28.70 -33.93 -21.66
CA ILE A 1441 27.51 -34.75 -21.45
C ILE A 1441 27.81 -35.90 -20.49
N SER A 1442 26.88 -36.16 -19.58
CA SER A 1442 27.01 -37.28 -18.66
C SER A 1442 27.08 -38.59 -19.45
N PRO A 1443 27.85 -39.58 -18.97
CA PRO A 1443 28.03 -40.81 -19.75
C PRO A 1443 26.75 -41.56 -20.04
N SER A 1444 25.77 -41.55 -19.12
CA SER A 1444 24.53 -42.29 -19.36
C SER A 1444 23.75 -41.69 -20.53
N ASP A 1445 23.86 -40.37 -20.73
CA ASP A 1445 23.22 -39.73 -21.86
C ASP A 1445 24.09 -39.73 -23.11
N ARG A 1446 25.41 -39.77 -22.95
CA ARG A 1446 26.29 -39.85 -24.11
C ARG A 1446 26.12 -41.17 -24.85
N VAL A 1447 26.06 -42.28 -24.10
CA VAL A 1447 25.83 -43.57 -24.72
C VAL A 1447 24.42 -43.67 -25.28
N LYS A 1448 23.47 -42.90 -24.73
CA LYS A 1448 22.11 -42.90 -25.26
C LYS A 1448 22.06 -42.27 -26.63
N LEU A 1449 22.69 -41.11 -26.80
CA LEU A 1449 22.69 -40.44 -28.10
C LEU A 1449 23.60 -41.13 -29.09
N PHE A 1450 24.81 -41.51 -28.67
CA PHE A 1450 25.76 -42.15 -29.56
C PHE A 1450 25.70 -43.66 -29.34
N PRO A 1451 25.20 -44.44 -30.31
CA PRO A 1451 25.07 -45.89 -30.17
C PRO A 1451 26.40 -46.62 -30.20
N UNK B 1 30.45 0.74 4.42
CA UNK B 1 29.05 0.33 4.40
C UNK B 1 28.14 1.54 4.46
N UNK B 2 26.98 1.43 3.82
CA UNK B 2 26.00 2.52 3.78
C UNK B 2 25.22 2.54 5.09
N UNK B 3 25.85 3.09 6.12
CA UNK B 3 25.23 3.22 7.43
C UNK B 3 24.49 4.54 7.62
N UNK B 4 24.52 5.43 6.63
CA UNK B 4 23.90 6.74 6.76
C UNK B 4 22.38 6.66 6.64
N UNK B 5 21.68 6.64 7.77
CA UNK B 5 20.22 6.62 7.78
C UNK B 5 19.69 8.04 7.58
N UNK B 6 19.90 8.55 6.36
CA UNK B 6 19.47 9.89 6.02
C UNK B 6 19.33 9.98 4.50
N UNK B 7 18.25 10.61 4.06
CA UNK B 7 17.96 10.68 2.63
C UNK B 7 19.01 11.54 1.92
N UNK B 8 19.51 11.03 0.80
CA UNK B 8 20.43 11.76 -0.06
C UNK B 8 19.70 12.30 -1.28
N UNK B 9 20.41 13.12 -2.05
CA UNK B 9 19.82 13.65 -3.28
C UNK B 9 19.52 12.54 -4.28
N UNK B 10 20.32 11.47 -4.27
CA UNK B 10 20.02 10.33 -5.14
C UNK B 10 18.71 9.66 -4.74
N UNK B 11 18.46 9.55 -3.44
CA UNK B 11 17.20 8.96 -2.99
C UNK B 11 16.02 9.84 -3.35
N UNK B 12 16.19 11.16 -3.25
CA UNK B 12 15.10 12.07 -3.63
C UNK B 12 14.79 11.94 -5.12
N UNK B 13 15.82 11.83 -5.95
CA UNK B 13 15.61 11.64 -7.38
C UNK B 13 14.89 10.33 -7.67
N UNK B 14 15.25 9.26 -6.95
CA UNK B 14 14.66 7.96 -7.20
C UNK B 14 13.18 7.93 -6.82
N UNK B 15 12.81 8.66 -5.76
CA UNK B 15 11.43 8.62 -5.27
C UNK B 15 10.56 9.68 -5.93
N UNK B 16 10.93 10.96 -5.79
CA UNK B 16 10.10 12.04 -6.30
C UNK B 16 10.04 12.02 -7.83
N UNK B 17 11.13 11.59 -8.48
CA UNK B 17 11.18 11.54 -9.94
C UNK B 17 10.83 12.87 -10.58
#